data_3WPE
#
_entry.id   3WPE
#
_cell.length_a   115.820
_cell.length_b   113.080
_cell.length_c   67.430
_cell.angle_alpha   90.00
_cell.angle_beta   100.61
_cell.angle_gamma   90.00
#
_symmetry.space_group_name_H-M   'C 1 2 1'
#
loop_
_entity.id
_entity.type
_entity.pdbx_description
1 polymer 'Toll-like receptor 9'
2 polymer "DNA (5'-D(*CP*AP*TP*GP*AP*CP*GP*TP*TP*CP*CP*T)-3')"
3 water water
#
loop_
_entity_poly.entity_id
_entity_poly.type
_entity_poly.pdbx_seq_one_letter_code
_entity_poly.pdbx_strand_id
1 'polypeptide(L)'
;RSPWEGTLPAFLPCELQPHGQVDCNWLFLKSVPHFSAGAPRANVTSLSLISNRIHHLHDSDFVHLSNLRVLNLKWNCPPA
GLSPMHFPCRMTIEPNTFLAVPTLEELNLSYNGITTVPALPSSLVSLSLSHTSILVLGPTHFTGLHALRFLYMDGNCYYM
NPCPRALEVAPGALLGLGNLTHLSLKYNNLTEVPRRLPPSLDTLLLSYNHIVTLAPEDLANLTALRVLDVGGNCRRCDHA
RNPCRECPKNFPKLHPDTFSHLSRLEGLVLKDSSLYKLEKDWFRGLGRLQVLDLSENFLYDYITKTTIFNDLTQLRRLNL
SFNYHKKVSFAHLHLASSFGSLVSLEKLDMHGIFFRSLTNITLQSLTRLPKLQSLHLQLNFINQAQLSIFGAFPSLLFVD
LSDNRISGAATPAAALGEVDSRVEVWRLPRGLAPGPLDAVSSKDFMPSCNLNFTLDLSRNNLVTIQQEMFTRLSRLQCLR
LSHNSISQAVNGSQFVPLTSLRVLDLSHNKLDLYHGRSFTELPQLEALDLSYNSQPFSMQGVGHNLSFVAQLPSLRYLSL
AHNGIHSRVSQKLSSASLRALDFSGNSLSQMWAEGDLYLCFFKGLRNLVQLDLSENHLHTLLPRHLDNLPKSLRQLRLRD
NNLAFFNWSSLTVLPRLEALDLAGNQLKALSNGSLPPGIRLQKLDVSSNSIGFVIPGFFVRATRLIELNLSANALKTVDP
SWFGSLAGTLKILDVSANPLHCACGAAFVDFLLERQEAVPGLSRRVTCGSPGQLQGRSIFTQDLRLCLDETLSLDEFLVP
R
;
A
2 'polydeoxyribonucleotide' (DC)(DA)(DT)(DG)(DA)(DC)(DG)(DT)(DT)(DC)(DC)(DT) C
#
# COMPACT_ATOMS: atom_id res chain seq x y z
N PRO A 9 -6.66 -34.93 -1.27
CA PRO A 9 -6.63 -33.63 -0.58
C PRO A 9 -6.56 -33.82 0.93
N ALA A 10 -5.33 -33.78 1.45
CA ALA A 10 -5.06 -34.26 2.80
C ALA A 10 -5.72 -33.45 3.93
N PHE A 11 -5.90 -32.15 3.74
CA PHE A 11 -6.30 -31.26 4.83
C PHE A 11 -7.61 -30.47 4.63
N LEU A 12 -8.58 -31.05 3.93
CA LEU A 12 -9.86 -30.37 3.75
C LEU A 12 -10.53 -30.14 5.11
N PRO A 13 -11.16 -28.97 5.30
CA PRO A 13 -11.42 -27.91 4.32
C PRO A 13 -10.26 -26.93 4.11
N CYS A 14 -9.15 -27.12 4.82
CA CYS A 14 -8.01 -26.22 4.73
C CYS A 14 -7.16 -26.51 3.50
N GLU A 15 -6.12 -25.70 3.31
CA GLU A 15 -5.32 -25.71 2.09
C GLU A 15 -3.83 -25.88 2.41
N LEU A 16 -3.23 -26.94 1.88
CA LEU A 16 -1.80 -27.21 2.07
C LEU A 16 -0.98 -26.30 1.16
N GLN A 17 0.08 -25.72 1.69
CA GLN A 17 0.93 -24.78 0.96
C GLN A 17 2.41 -25.11 1.21
N PRO A 18 3.33 -24.43 0.50
CA PRO A 18 4.74 -24.61 0.83
C PRO A 18 5.10 -24.15 2.25
N HIS A 19 6.33 -24.43 2.66
CA HIS A 19 6.83 -24.11 4.00
C HIS A 19 6.00 -24.75 5.12
N GLY A 20 5.43 -25.92 4.85
CA GLY A 20 4.62 -26.66 5.83
C GLY A 20 3.46 -25.90 6.45
N GLN A 21 2.93 -24.91 5.71
CA GLN A 21 1.83 -24.07 6.21
C GLN A 21 0.47 -24.56 5.72
N VAL A 22 -0.51 -24.57 6.63
CA VAL A 22 -1.88 -24.96 6.32
C VAL A 22 -2.81 -23.76 6.49
N ASP A 23 -3.43 -23.33 5.39
CA ASP A 23 -4.31 -22.15 5.39
C ASP A 23 -5.76 -22.56 5.65
N CYS A 24 -6.30 -22.12 6.78
CA CYS A 24 -7.71 -22.31 7.12
C CYS A 24 -8.41 -20.97 7.34
N ASN A 25 -7.85 -19.90 6.80
CA ASN A 25 -8.40 -18.56 6.98
C ASN A 25 -9.74 -18.41 6.28
N TRP A 26 -10.65 -17.66 6.90
CA TRP A 26 -11.90 -17.23 6.27
C TRP A 26 -12.75 -18.37 5.75
N LEU A 27 -12.79 -19.47 6.51
CA LEU A 27 -13.69 -20.60 6.21
C LEU A 27 -14.91 -20.66 7.14
N PHE A 28 -15.10 -19.62 7.96
CA PHE A 28 -16.23 -19.54 8.89
C PHE A 28 -16.40 -20.79 9.76
N LEU A 29 -15.27 -21.40 10.14
CA LEU A 29 -15.27 -22.60 10.98
C LEU A 29 -15.70 -22.27 12.41
N LYS A 30 -16.41 -23.21 13.02
CA LYS A 30 -16.91 -23.07 14.40
C LYS A 30 -15.95 -23.70 15.40
N SER A 31 -15.13 -24.65 14.94
CA SER A 31 -14.09 -25.26 15.74
C SER A 31 -12.89 -25.61 14.87
N VAL A 32 -11.77 -25.94 15.52
CA VAL A 32 -10.51 -26.25 14.82
C VAL A 32 -10.58 -27.61 14.12
N PRO A 33 -10.30 -27.66 12.81
CA PRO A 33 -10.42 -28.94 12.12
C PRO A 33 -9.33 -29.91 12.57
N HIS A 34 -9.73 -31.04 13.12
CA HIS A 34 -8.77 -32.03 13.61
C HIS A 34 -8.06 -32.76 12.44
N PHE A 35 -8.74 -32.83 11.30
CA PHE A 35 -8.26 -33.54 10.10
C PHE A 35 -8.29 -35.04 10.31
N SER A 36 -8.45 -35.78 9.22
CA SER A 36 -8.48 -37.23 9.30
C SER A 36 -7.11 -37.75 9.74
N ALA A 37 -7.09 -38.97 10.28
CA ALA A 37 -5.86 -39.57 10.81
C ALA A 37 -4.79 -39.77 9.74
N GLY A 38 -5.22 -40.02 8.50
CA GLY A 38 -4.29 -40.35 7.42
C GLY A 38 -3.39 -39.22 6.93
N ALA A 39 -3.67 -38.00 7.37
CA ALA A 39 -2.89 -36.83 6.94
C ALA A 39 -1.47 -36.86 7.49
N PRO A 40 -0.51 -36.23 6.76
CA PRO A 40 0.83 -36.04 7.32
C PRO A 40 0.85 -34.91 8.37
N ARG A 41 0.23 -35.18 9.52
CA ARG A 41 0.06 -34.19 10.60
C ARG A 41 1.36 -33.73 11.25
N ALA A 42 2.38 -34.58 11.24
CA ALA A 42 3.69 -34.20 11.77
C ALA A 42 4.42 -33.21 10.86
N ASN A 43 4.05 -33.18 9.57
CA ASN A 43 4.71 -32.29 8.59
C ASN A 43 4.29 -30.82 8.69
N VAL A 44 3.17 -30.52 9.34
CA VAL A 44 2.68 -29.13 9.40
C VAL A 44 3.46 -28.30 10.43
N THR A 45 4.06 -27.22 9.95
CA THR A 45 4.88 -26.34 10.78
C THR A 45 4.18 -25.02 11.12
N SER A 46 3.06 -24.76 10.45
CA SER A 46 2.36 -23.49 10.57
C SER A 46 0.88 -23.71 10.28
N LEU A 47 0.02 -23.14 11.11
CA LEU A 47 -1.43 -23.28 10.96
C LEU A 47 -2.06 -21.91 11.16
N SER A 48 -2.73 -21.42 10.12
CA SER A 48 -3.41 -20.13 10.16
C SER A 48 -4.90 -20.38 10.18
N LEU A 49 -5.58 -19.82 11.17
CA LEU A 49 -7.02 -19.97 11.30
C LEU A 49 -7.63 -18.58 11.47
N ILE A 50 -7.22 -17.66 10.61
CA ILE A 50 -7.62 -16.26 10.73
C ILE A 50 -9.09 -16.08 10.37
N SER A 51 -9.76 -15.24 11.14
CA SER A 51 -11.12 -14.77 10.85
C SER A 51 -12.14 -15.88 10.63
N ASN A 52 -11.99 -16.97 11.37
CA ASN A 52 -13.02 -18.01 11.49
C ASN A 52 -13.98 -17.62 12.64
N ARG A 53 -14.83 -18.58 13.03
CA ARG A 53 -15.84 -18.39 14.07
C ARG A 53 -15.57 -19.29 15.27
N ILE A 54 -14.29 -19.43 15.65
CA ILE A 54 -13.92 -20.34 16.72
C ILE A 54 -13.93 -19.61 18.05
N HIS A 55 -14.91 -19.93 18.89
CA HIS A 55 -15.03 -19.31 20.21
C HIS A 55 -14.58 -20.23 21.34
N HIS A 56 -14.16 -21.45 20.99
CA HIS A 56 -13.74 -22.43 22.01
C HIS A 56 -12.54 -23.26 21.53
N LEU A 57 -11.45 -23.21 22.29
CA LEU A 57 -10.27 -24.01 22.04
C LEU A 57 -10.17 -25.15 23.05
N HIS A 58 -9.62 -26.29 22.61
CA HIS A 58 -9.59 -27.53 23.38
C HIS A 58 -8.19 -28.16 23.41
N ASP A 59 -7.92 -28.93 24.46
CA ASP A 59 -6.65 -29.66 24.60
C ASP A 59 -6.32 -30.49 23.37
N SER A 60 -7.35 -30.98 22.68
CA SER A 60 -7.18 -31.89 21.54
C SER A 60 -7.20 -31.20 20.16
N ASP A 61 -7.15 -29.88 20.11
CA ASP A 61 -7.19 -29.15 18.84
C ASP A 61 -5.85 -29.18 18.11
N PHE A 62 -4.75 -29.10 18.85
CA PHE A 62 -3.41 -29.04 18.26
C PHE A 62 -2.48 -30.16 18.77
N VAL A 63 -3.03 -31.12 19.50
CA VAL A 63 -2.23 -32.18 20.11
C VAL A 63 -1.51 -33.03 19.06
N HIS A 64 -2.20 -33.39 17.98
CA HIS A 64 -1.59 -34.22 16.91
C HIS A 64 -0.65 -33.43 15.98
N LEU A 65 -0.65 -32.11 16.13
CA LEU A 65 0.27 -31.27 15.36
C LEU A 65 1.63 -31.28 16.06
N SER A 66 2.47 -32.23 15.66
CA SER A 66 3.72 -32.55 16.34
C SER A 66 4.86 -31.57 16.10
N ASN A 67 4.90 -30.94 14.91
CA ASN A 67 5.96 -29.98 14.59
C ASN A 67 5.44 -28.56 14.40
N LEU A 68 4.31 -28.26 15.04
CA LEU A 68 3.72 -26.93 14.94
C LEU A 68 4.62 -25.90 15.60
N ARG A 69 4.96 -24.85 14.87
CA ARG A 69 5.80 -23.77 15.38
C ARG A 69 5.11 -22.41 15.32
N VAL A 70 4.26 -22.21 14.31
CA VAL A 70 3.50 -20.96 14.16
C VAL A 70 2.00 -21.25 14.21
N LEU A 71 1.28 -20.52 15.06
CA LEU A 71 -0.18 -20.65 15.13
C LEU A 71 -0.84 -19.28 15.18
N ASN A 72 -1.74 -19.03 14.23
CA ASN A 72 -2.46 -17.76 14.16
C ASN A 72 -3.97 -17.95 14.29
N LEU A 73 -4.53 -17.42 15.39
CA LEU A 73 -5.95 -17.52 15.72
C LEU A 73 -6.62 -16.15 15.75
N LYS A 74 -6.11 -15.23 14.92
CA LYS A 74 -6.53 -13.84 14.92
C LYS A 74 -7.97 -13.69 14.46
N TRP A 75 -8.70 -12.77 15.09
CA TRP A 75 -10.03 -12.33 14.64
C TRP A 75 -11.14 -13.38 14.71
N ASN A 76 -10.95 -14.39 15.53
CA ASN A 76 -11.96 -15.42 15.73
C ASN A 76 -13.16 -15.07 16.62
N CYS A 77 -12.95 -14.17 17.57
CA CYS A 77 -13.92 -13.94 18.64
C CYS A 77 -13.75 -12.51 19.16
N PRO A 78 -13.82 -11.52 18.24
CA PRO A 78 -13.46 -10.14 18.61
C PRO A 78 -14.34 -9.58 19.72
N PRO A 79 -13.76 -8.76 20.64
CA PRO A 79 -14.57 -8.10 21.66
C PRO A 79 -15.63 -7.18 21.06
N ALA A 80 -16.65 -6.87 21.85
CA ALA A 80 -17.83 -6.15 21.35
C ALA A 80 -17.50 -4.89 20.57
N GLY A 81 -16.53 -4.13 21.04
CA GLY A 81 -16.13 -2.89 20.38
C GLY A 81 -15.49 -3.10 19.01
N LEU A 82 -14.80 -4.22 18.86
CA LEU A 82 -14.08 -4.52 17.62
C LEU A 82 -14.88 -5.41 16.67
N SER A 83 -15.97 -5.98 17.17
CA SER A 83 -16.86 -6.76 16.33
C SER A 83 -17.56 -5.83 15.34
N PRO A 84 -17.52 -6.16 14.02
CA PRO A 84 -18.22 -5.35 13.03
C PRO A 84 -19.70 -5.09 13.37
N MET A 85 -20.36 -6.07 13.97
CA MET A 85 -21.75 -5.94 14.41
C MET A 85 -21.85 -5.54 15.88
N HIS A 86 -20.69 -5.47 16.54
CA HIS A 86 -20.61 -5.27 17.98
C HIS A 86 -21.22 -6.41 18.78
N PHE A 87 -21.02 -7.63 18.27
CA PHE A 87 -21.41 -8.82 19.01
C PHE A 87 -20.38 -9.06 20.11
N PRO A 88 -20.85 -9.21 21.37
CA PRO A 88 -19.93 -9.69 22.40
C PRO A 88 -19.48 -11.11 22.10
N CYS A 89 -18.21 -11.41 22.34
CA CYS A 89 -17.69 -12.76 22.17
C CYS A 89 -16.68 -13.05 23.27
N ARG A 90 -16.85 -14.21 23.91
CA ARG A 90 -15.95 -14.62 24.97
C ARG A 90 -15.32 -15.95 24.54
N MET A 91 -14.01 -15.93 24.36
CA MET A 91 -13.27 -17.09 23.89
C MET A 91 -12.79 -17.87 25.09
N THR A 92 -13.20 -19.14 25.17
CA THR A 92 -12.77 -20.03 26.23
C THR A 92 -11.65 -20.91 25.70
N ILE A 93 -10.64 -21.13 26.53
CA ILE A 93 -9.52 -21.98 26.19
C ILE A 93 -9.36 -23.00 27.30
N GLU A 94 -9.28 -24.28 26.94
CA GLU A 94 -9.02 -25.33 27.92
C GLU A 94 -7.60 -25.16 28.46
N PRO A 95 -7.37 -25.56 29.72
CA PRO A 95 -6.12 -25.32 30.43
C PRO A 95 -4.86 -25.70 29.64
N ASN A 96 -4.84 -26.91 29.07
CA ASN A 96 -3.65 -27.43 28.39
C ASN A 96 -3.70 -27.30 26.86
N THR A 97 -4.48 -26.35 26.36
CA THR A 97 -4.65 -26.18 24.93
C THR A 97 -3.31 -26.04 24.18
N PHE A 98 -2.43 -25.17 24.69
CA PHE A 98 -1.15 -24.87 24.05
C PHE A 98 0.02 -25.61 24.71
N LEU A 99 -0.13 -25.94 25.99
CA LEU A 99 0.80 -26.85 26.68
C LEU A 99 0.87 -28.18 25.91
N ALA A 100 -0.24 -28.60 25.34
CA ALA A 100 -0.29 -29.78 24.48
C ALA A 100 0.64 -29.68 23.26
N VAL A 101 1.18 -28.49 22.99
CA VAL A 101 2.08 -28.23 21.87
C VAL A 101 3.41 -27.68 22.36
N PRO A 102 4.31 -28.57 22.84
CA PRO A 102 5.60 -28.11 23.36
C PRO A 102 6.59 -27.57 22.30
N THR A 103 6.27 -27.66 21.01
CA THR A 103 7.11 -27.07 19.94
C THR A 103 6.68 -25.65 19.54
N LEU A 104 5.56 -25.16 20.08
CA LEU A 104 4.98 -23.88 19.65
C LEU A 104 5.90 -22.68 19.89
N GLU A 105 6.14 -21.90 18.83
CA GLU A 105 7.00 -20.72 18.89
C GLU A 105 6.26 -19.39 18.71
N GLU A 106 5.35 -19.32 17.74
CA GLU A 106 4.63 -18.07 17.41
C GLU A 106 3.13 -18.20 17.60
N LEU A 107 2.60 -17.50 18.61
CA LEU A 107 1.18 -17.53 18.89
C LEU A 107 0.56 -16.13 18.78
N ASN A 108 -0.41 -15.99 17.88
CA ASN A 108 -1.17 -14.76 17.73
C ASN A 108 -2.62 -15.01 18.16
N LEU A 109 -3.00 -14.41 19.29
CA LEU A 109 -4.34 -14.51 19.85
C LEU A 109 -5.06 -13.16 19.81
N SER A 110 -4.60 -12.27 18.95
CA SER A 110 -5.13 -10.91 18.92
C SER A 110 -6.55 -10.91 18.36
N TYR A 111 -7.30 -9.87 18.69
CA TYR A 111 -8.71 -9.75 18.31
C TYR A 111 -9.54 -10.96 18.74
N ASN A 112 -9.28 -11.41 19.98
CA ASN A 112 -10.03 -12.49 20.63
C ASN A 112 -10.38 -12.13 22.08
N GLY A 113 -11.65 -12.27 22.43
CA GLY A 113 -12.13 -11.94 23.78
C GLY A 113 -11.76 -12.96 24.85
N ILE A 114 -10.47 -13.13 25.09
CA ILE A 114 -9.98 -13.92 26.22
C ILE A 114 -9.71 -12.96 27.38
N THR A 115 -9.99 -13.42 28.61
CA THR A 115 -9.91 -12.56 29.79
C THR A 115 -8.66 -12.74 30.64
N THR A 116 -7.95 -13.84 30.45
CA THR A 116 -6.67 -14.04 31.11
C THR A 116 -5.68 -14.75 30.19
N VAL A 117 -4.39 -14.67 30.52
CA VAL A 117 -3.33 -15.32 29.74
C VAL A 117 -3.39 -16.83 29.98
N PRO A 118 -3.44 -17.63 28.89
CA PRO A 118 -3.50 -19.08 29.05
C PRO A 118 -2.16 -19.69 29.42
N ALA A 119 -2.17 -20.94 29.87
CA ALA A 119 -0.92 -21.65 30.10
C ALA A 119 -0.24 -21.85 28.73
N LEU A 120 1.04 -21.53 28.66
CA LEU A 120 1.79 -21.51 27.42
C LEU A 120 3.05 -22.36 27.53
N PRO A 121 3.49 -22.97 26.43
CA PRO A 121 4.71 -23.77 26.47
C PRO A 121 5.94 -22.89 26.65
N SER A 122 7.01 -23.46 27.21
CA SER A 122 8.25 -22.71 27.44
C SER A 122 9.05 -22.47 26.16
N SER A 123 8.62 -23.10 25.06
CA SER A 123 9.20 -22.92 23.74
C SER A 123 8.76 -21.62 23.06
N LEU A 124 7.70 -21.00 23.58
CA LEU A 124 7.12 -19.82 22.94
C LEU A 124 8.13 -18.67 22.86
N VAL A 125 8.31 -18.15 21.64
CA VAL A 125 9.24 -17.05 21.35
C VAL A 125 8.52 -15.73 21.15
N SER A 126 7.32 -15.77 20.55
CA SER A 126 6.56 -14.55 20.25
C SER A 126 5.09 -14.76 20.59
N LEU A 127 4.51 -13.79 21.30
CA LEU A 127 3.13 -13.88 21.74
C LEU A 127 2.42 -12.56 21.49
N SER A 128 1.27 -12.61 20.83
CA SER A 128 0.42 -11.42 20.67
C SER A 128 -0.92 -11.61 21.35
N LEU A 129 -1.23 -10.69 22.28
CA LEU A 129 -2.51 -10.65 22.98
C LEU A 129 -3.17 -9.28 22.75
N SER A 130 -2.83 -8.62 21.64
CA SER A 130 -3.37 -7.30 21.35
C SER A 130 -4.87 -7.41 21.11
N HIS A 131 -5.61 -6.39 21.52
CA HIS A 131 -7.04 -6.34 21.23
C HIS A 131 -7.73 -7.62 21.72
N THR A 132 -7.35 -8.06 22.91
CA THR A 132 -8.04 -9.12 23.61
C THR A 132 -8.73 -8.45 24.80
N SER A 133 -9.26 -9.24 25.74
CA SER A 133 -9.99 -8.69 26.89
C SER A 133 -9.23 -8.88 28.21
N ILE A 134 -7.92 -9.01 28.11
CA ILE A 134 -7.07 -9.18 29.28
C ILE A 134 -6.77 -7.83 29.91
N LEU A 135 -7.21 -7.65 31.16
CA LEU A 135 -7.04 -6.40 31.91
C LEU A 135 -5.98 -6.46 33.02
N VAL A 136 -5.46 -7.65 33.33
CA VAL A 136 -4.49 -7.83 34.41
C VAL A 136 -3.32 -8.69 33.95
N LEU A 137 -2.11 -8.31 34.36
CA LEU A 137 -0.92 -9.15 34.18
C LEU A 137 -0.14 -9.26 35.50
N GLY A 138 0.31 -10.48 35.79
CA GLY A 138 1.14 -10.76 36.97
C GLY A 138 2.27 -11.70 36.60
N PRO A 139 3.13 -12.04 37.57
CA PRO A 139 4.25 -12.95 37.27
C PRO A 139 3.77 -14.36 36.97
N THR A 140 2.66 -14.77 37.59
CA THR A 140 2.12 -16.11 37.44
C THR A 140 1.67 -16.39 36.01
N HIS A 141 1.23 -15.34 35.32
CA HIS A 141 0.77 -15.45 33.94
C HIS A 141 1.91 -15.83 32.98
N PHE A 142 3.15 -15.50 33.34
CA PHE A 142 4.32 -15.77 32.48
C PHE A 142 5.35 -16.70 33.14
N THR A 143 4.84 -17.74 33.82
CA THR A 143 5.68 -18.70 34.52
C THR A 143 6.49 -19.55 33.53
N GLY A 144 7.82 -19.43 33.59
CA GLY A 144 8.71 -20.30 32.85
C GLY A 144 8.82 -20.07 31.35
N LEU A 145 8.42 -18.89 30.88
CA LEU A 145 8.54 -18.55 29.45
C LEU A 145 9.89 -17.91 29.16
N HIS A 146 10.94 -18.72 29.30
CA HIS A 146 12.31 -18.24 29.24
C HIS A 146 12.78 -17.86 27.83
N ALA A 147 12.07 -18.36 26.81
CA ALA A 147 12.40 -18.06 25.42
C ALA A 147 11.70 -16.80 24.90
N LEU A 148 10.60 -16.42 25.54
CA LEU A 148 9.75 -15.32 25.07
C LEU A 148 10.51 -14.02 24.77
N ARG A 149 10.58 -13.68 23.48
CA ARG A 149 11.33 -12.54 23.00
C ARG A 149 10.44 -11.36 22.58
N PHE A 150 9.27 -11.65 22.03
CA PHE A 150 8.33 -10.61 21.58
C PHE A 150 6.99 -10.73 22.30
N LEU A 151 6.52 -9.62 22.88
CA LEU A 151 5.20 -9.59 23.49
C LEU A 151 4.41 -8.38 23.03
N TYR A 152 3.34 -8.63 22.28
CA TYR A 152 2.40 -7.60 21.85
C TYR A 152 1.16 -7.64 22.73
N MET A 153 0.81 -6.50 23.29
CA MET A 153 -0.48 -6.38 23.95
C MET A 153 -0.97 -4.94 23.86
N ASP A 154 -1.26 -4.52 22.62
CA ASP A 154 -1.81 -3.21 22.34
C ASP A 154 -3.34 -3.23 22.38
N GLY A 155 -3.95 -2.07 22.65
CA GLY A 155 -5.38 -1.88 22.42
C GLY A 155 -6.31 -2.72 23.28
N ASN A 156 -6.03 -2.82 24.57
CA ASN A 156 -6.89 -3.56 25.49
C ASN A 156 -7.74 -2.69 26.42
N CYS A 157 -7.52 -1.37 26.38
CA CYS A 157 -8.39 -0.43 27.06
C CYS A 157 -8.37 0.93 26.37
N TYR A 158 -9.26 1.09 25.41
CA TYR A 158 -9.39 2.35 24.67
C TYR A 158 -10.72 2.41 23.95
N TYR A 159 -10.97 3.50 23.23
CA TYR A 159 -12.31 3.79 22.72
C TYR A 159 -12.91 2.65 21.89
N MET A 160 -12.09 1.95 21.12
CA MET A 160 -12.58 0.85 20.28
C MET A 160 -12.68 -0.47 21.05
N ASN A 161 -12.06 -0.53 22.24
CA ASN A 161 -12.12 -1.71 23.09
C ASN A 161 -12.07 -1.26 24.56
N PRO A 162 -13.19 -0.77 25.08
CA PRO A 162 -13.15 -0.03 26.34
C PRO A 162 -13.09 -0.89 27.59
N CYS A 163 -12.51 -0.31 28.64
CA CYS A 163 -12.50 -0.90 29.96
C CYS A 163 -12.73 0.25 30.94
N PRO A 164 -13.39 -0.01 32.08
CA PRO A 164 -13.79 1.10 32.95
C PRO A 164 -12.62 1.76 33.67
N ARG A 165 -11.52 1.02 33.74
CA ARG A 165 -10.34 1.38 34.50
C ARG A 165 -9.16 1.46 33.51
N ALA A 166 -8.10 0.68 33.72
CA ALA A 166 -7.02 0.54 32.75
C ALA A 166 -6.44 -0.87 32.79
N LEU A 167 -5.49 -1.14 31.89
CA LEU A 167 -4.71 -2.36 31.96
C LEU A 167 -3.82 -2.28 33.20
N GLU A 168 -3.83 -3.33 34.01
CA GLU A 168 -2.99 -3.40 35.20
C GLU A 168 -1.84 -4.36 34.98
N VAL A 169 -0.63 -3.86 35.14
CA VAL A 169 0.56 -4.69 35.09
C VAL A 169 1.29 -4.48 36.41
N ALA A 170 1.39 -5.56 37.18
CA ALA A 170 2.00 -5.50 38.51
C ALA A 170 3.48 -5.19 38.37
N PRO A 171 4.08 -4.56 39.40
CA PRO A 171 5.54 -4.34 39.35
C PRO A 171 6.32 -5.64 39.21
N GLY A 172 7.27 -5.67 38.27
CA GLY A 172 8.07 -6.85 38.03
C GLY A 172 7.32 -8.05 37.46
N ALA A 173 6.11 -7.83 36.94
CA ALA A 173 5.31 -8.92 36.36
C ALA A 173 6.02 -9.66 35.21
N LEU A 174 6.77 -8.93 34.39
CA LEU A 174 7.51 -9.50 33.25
C LEU A 174 9.00 -9.65 33.53
N LEU A 175 9.41 -9.37 34.77
CA LEU A 175 10.82 -9.28 35.09
C LEU A 175 11.51 -10.64 34.95
N GLY A 176 10.74 -11.71 35.17
CA GLY A 176 11.23 -13.08 34.95
C GLY A 176 11.53 -13.46 33.52
N LEU A 177 11.06 -12.67 32.55
CA LEU A 177 11.31 -12.93 31.12
C LEU A 177 12.65 -12.32 30.68
N GLY A 178 13.71 -13.11 30.79
CA GLY A 178 15.07 -12.63 30.54
C GLY A 178 15.47 -12.50 29.07
N ASN A 179 14.72 -13.15 28.18
CA ASN A 179 14.99 -13.05 26.75
C ASN A 179 14.12 -11.99 26.06
N LEU A 180 13.24 -11.31 26.80
CA LEU A 180 12.27 -10.39 26.18
C LEU A 180 12.94 -9.12 25.66
N THR A 181 12.82 -8.88 24.35
CA THR A 181 13.41 -7.69 23.69
C THR A 181 12.39 -6.67 23.17
N HIS A 182 11.15 -7.10 22.92
CA HIS A 182 10.14 -6.28 22.26
C HIS A 182 8.88 -6.24 23.10
N LEU A 183 8.38 -5.05 23.37
CA LEU A 183 7.22 -4.91 24.23
C LEU A 183 6.36 -3.78 23.71
N SER A 184 5.11 -4.09 23.39
CA SER A 184 4.16 -3.09 22.94
C SER A 184 2.93 -3.04 23.86
N LEU A 185 2.64 -1.86 24.37
CA LEU A 185 1.50 -1.65 25.27
C LEU A 185 0.79 -0.34 24.97
N LYS A 186 0.32 -0.21 23.73
CA LYS A 186 -0.34 1.01 23.28
C LYS A 186 -1.84 0.90 23.55
N TYR A 187 -2.50 2.06 23.67
CA TYR A 187 -3.94 2.10 23.78
C TYR A 187 -4.47 1.22 24.94
N ASN A 188 -3.83 1.32 26.10
CA ASN A 188 -4.24 0.56 27.29
C ASN A 188 -4.60 1.45 28.48
N ASN A 189 -4.79 2.74 28.25
CA ASN A 189 -5.21 3.70 29.28
C ASN A 189 -4.26 3.78 30.48
N LEU A 190 -2.97 3.55 30.23
CA LEU A 190 -1.96 3.59 31.29
C LEU A 190 -1.69 5.03 31.73
N THR A 191 -1.29 5.21 32.98
CA THR A 191 -0.95 6.53 33.51
C THR A 191 0.49 6.60 34.00
N GLU A 192 1.18 5.46 33.95
CA GLU A 192 2.61 5.42 34.25
C GLU A 192 3.20 4.19 33.59
N VAL A 193 4.51 4.21 33.36
CA VAL A 193 5.20 3.07 32.80
C VAL A 193 5.11 1.98 33.85
N PRO A 194 4.76 0.75 33.45
CA PRO A 194 4.69 -0.33 34.45
C PRO A 194 6.08 -0.59 35.03
N ARG A 195 6.14 -0.78 36.35
CA ARG A 195 7.39 -0.71 37.08
C ARG A 195 8.21 -1.99 37.00
N ARG A 196 9.53 -1.82 37.04
CA ARG A 196 10.53 -2.88 36.92
C ARG A 196 10.30 -3.81 35.71
N LEU A 197 10.66 -3.31 34.53
CA LEU A 197 10.63 -4.09 33.29
C LEU A 197 11.96 -4.81 33.07
N PRO A 198 11.96 -5.89 32.27
CA PRO A 198 13.21 -6.61 32.00
C PRO A 198 14.23 -5.72 31.32
N PRO A 199 15.46 -5.64 31.87
CA PRO A 199 16.54 -4.86 31.26
C PRO A 199 16.96 -5.30 29.85
N SER A 200 16.50 -6.47 29.42
CA SER A 200 16.79 -7.01 28.09
C SER A 200 16.05 -6.30 26.94
N LEU A 201 15.04 -5.50 27.26
CA LEU A 201 14.23 -4.84 26.22
C LEU A 201 15.07 -3.95 25.32
N ASP A 202 14.89 -4.08 23.99
CA ASP A 202 15.43 -3.09 23.05
C ASP A 202 14.37 -2.20 22.39
N THR A 203 13.12 -2.66 22.31
CA THR A 203 12.00 -1.86 21.78
C THR A 203 10.85 -1.76 22.81
N LEU A 204 10.44 -0.53 23.14
CA LEU A 204 9.36 -0.31 24.13
C LEU A 204 8.35 0.72 23.64
N LEU A 205 7.15 0.25 23.31
CA LEU A 205 6.13 1.09 22.71
C LEU A 205 4.98 1.33 23.70
N LEU A 206 4.87 2.57 24.19
CA LEU A 206 3.88 2.94 25.20
C LEU A 206 2.98 4.05 24.72
N SER A 207 2.85 4.17 23.40
CA SER A 207 2.18 5.32 22.81
C SER A 207 0.66 5.24 22.99
N TYR A 208 0.03 6.41 22.94
CA TYR A 208 -1.42 6.51 23.04
C TYR A 208 -1.97 5.92 24.34
N ASN A 209 -1.26 6.12 25.43
CA ASN A 209 -1.82 5.92 26.75
C ASN A 209 -2.05 7.32 27.31
N HIS A 210 -1.79 7.52 28.59
CA HIS A 210 -1.91 8.84 29.19
C HIS A 210 -0.79 9.01 30.19
N ILE A 211 0.38 8.51 29.82
CA ILE A 211 1.60 8.70 30.60
C ILE A 211 2.06 10.13 30.36
N VAL A 212 1.60 11.00 31.23
CA VAL A 212 1.70 12.43 31.07
C VAL A 212 2.92 12.95 31.85
N THR A 213 3.58 12.05 32.58
CA THR A 213 4.75 12.37 33.39
C THR A 213 5.83 11.31 33.20
N LEU A 214 7.09 11.71 33.21
CA LEU A 214 8.19 10.79 32.91
C LEU A 214 9.51 11.16 33.58
N ALA A 215 10.12 10.19 34.27
CA ALA A 215 11.42 10.35 34.94
C ALA A 215 12.32 9.13 34.63
N PRO A 216 13.63 9.18 34.98
CA PRO A 216 14.49 8.05 34.60
C PRO A 216 14.17 6.76 35.36
N GLU A 217 13.56 6.90 36.54
CA GLU A 217 13.08 5.75 37.28
C GLU A 217 12.00 4.97 36.53
N ASP A 218 11.27 5.63 35.63
CA ASP A 218 10.29 4.96 34.78
C ASP A 218 10.98 4.06 33.74
N LEU A 219 12.16 4.46 33.28
CA LEU A 219 12.95 3.66 32.35
C LEU A 219 14.19 3.12 33.05
N ALA A 220 14.00 2.69 34.31
CA ALA A 220 15.11 2.31 35.17
C ALA A 220 15.73 0.99 34.72
N ASN A 221 17.06 1.00 34.58
CA ASN A 221 17.83 -0.20 34.22
C ASN A 221 17.43 -0.78 32.86
N LEU A 222 16.91 0.06 31.98
CA LEU A 222 16.57 -0.35 30.62
C LEU A 222 17.63 0.18 29.65
N THR A 223 18.88 -0.15 29.95
CA THR A 223 20.02 0.42 29.23
C THR A 223 20.21 -0.10 27.80
N ALA A 224 19.53 -1.20 27.46
CA ALA A 224 19.61 -1.82 26.13
C ALA A 224 18.56 -1.31 25.15
N LEU A 225 17.86 -0.24 25.48
CA LEU A 225 16.82 0.31 24.61
C LEU A 225 17.36 0.90 23.30
N ARG A 226 16.84 0.39 22.18
CA ARG A 226 17.18 0.83 20.81
C ARG A 226 16.09 1.73 20.23
N VAL A 227 14.83 1.40 20.51
CA VAL A 227 13.67 2.16 20.03
C VAL A 227 12.70 2.44 21.18
N LEU A 228 12.23 3.68 21.26
CA LEU A 228 11.32 4.08 22.32
C LEU A 228 10.23 4.97 21.75
N ASP A 229 8.99 4.49 21.80
CA ASP A 229 7.85 5.26 21.34
C ASP A 229 7.00 5.65 22.56
N VAL A 230 6.90 6.94 22.81
CA VAL A 230 6.11 7.45 23.93
C VAL A 230 5.10 8.53 23.48
N GLY A 231 4.87 8.63 22.18
CA GLY A 231 3.98 9.66 21.64
C GLY A 231 2.49 9.42 21.92
N GLY A 232 1.69 10.45 21.74
CA GLY A 232 0.25 10.34 21.88
C GLY A 232 -0.25 10.16 23.31
N ASN A 233 0.62 10.37 24.28
CA ASN A 233 0.21 10.34 25.69
C ASN A 233 -0.28 11.69 26.18
N CYS A 234 -0.04 12.72 25.38
CA CYS A 234 -0.34 14.09 25.76
C CYS A 234 -0.70 14.88 24.50
N ARG A 235 -1.91 14.64 24.00
CA ARG A 235 -2.25 14.96 22.60
C ARG A 235 -2.85 16.34 22.35
N ARG A 236 -2.77 16.76 21.08
CA ARG A 236 -3.44 17.95 20.59
C ARG A 236 -4.66 17.54 19.76
N CYS A 237 -5.83 17.63 20.39
CA CYS A 237 -7.05 17.08 19.82
C CYS A 237 -7.64 17.91 18.70
N ASP A 238 -7.11 19.10 18.46
CA ASP A 238 -7.54 19.91 17.32
C ASP A 238 -7.18 19.23 15.99
N HIS A 239 -6.12 18.42 15.99
CA HIS A 239 -5.66 17.69 14.81
C HIS A 239 -6.15 16.24 14.82
N ALA A 240 -6.81 15.83 15.90
CA ALA A 240 -7.24 14.44 16.05
C ALA A 240 -8.39 14.11 15.09
N ARG A 241 -8.36 12.89 14.55
CA ARG A 241 -9.45 12.36 13.73
C ARG A 241 -10.31 11.33 14.48
N ASN A 242 -9.90 11.00 15.70
CA ASN A 242 -10.56 9.96 16.47
C ASN A 242 -10.77 10.46 17.90
N PRO A 243 -11.41 9.65 18.77
CA PRO A 243 -11.61 10.13 20.13
C PRO A 243 -10.28 10.48 20.81
N CYS A 244 -10.31 11.57 21.55
CA CYS A 244 -9.11 12.27 21.99
C CYS A 244 -9.40 13.06 23.26
N ARG A 245 -8.52 12.96 24.26
CA ARG A 245 -8.65 13.74 25.47
C ARG A 245 -7.48 14.69 25.48
N GLU A 246 -7.77 15.98 25.49
CA GLU A 246 -6.74 17.01 25.39
C GLU A 246 -5.75 16.86 26.54
N CYS A 247 -4.50 17.24 26.31
CA CYS A 247 -3.51 17.20 27.38
C CYS A 247 -3.70 18.40 28.27
N PRO A 248 -3.73 18.20 29.59
CA PRO A 248 -3.83 19.37 30.47
C PRO A 248 -2.65 20.33 30.27
N LYS A 249 -2.89 21.61 30.48
CA LYS A 249 -1.80 22.57 30.44
C LYS A 249 -0.96 22.40 31.69
N ASN A 250 0.29 22.84 31.61
CA ASN A 250 1.36 22.44 32.53
C ASN A 250 1.71 20.96 32.40
N PHE A 251 1.40 20.37 31.24
CA PHE A 251 1.83 19.02 30.88
C PHE A 251 2.16 18.95 29.39
N PRO A 252 3.05 18.03 28.98
CA PRO A 252 3.65 16.97 29.77
C PRO A 252 4.85 17.46 30.59
N LYS A 253 5.32 16.59 31.48
CA LYS A 253 6.47 16.87 32.31
C LYS A 253 7.49 15.76 32.18
N LEU A 254 8.67 16.13 31.75
CA LEU A 254 9.82 15.25 31.71
C LEU A 254 10.92 16.00 32.46
N HIS A 255 12.07 15.37 32.61
CA HIS A 255 13.23 16.09 33.11
C HIS A 255 14.52 15.45 32.62
N PRO A 256 15.56 16.28 32.39
CA PRO A 256 16.72 15.99 31.56
C PRO A 256 17.26 14.57 31.63
N ASP A 257 17.25 13.99 32.84
CA ASP A 257 17.87 12.70 33.09
C ASP A 257 17.06 11.50 32.59
N THR A 258 15.80 11.70 32.22
CA THR A 258 14.92 10.62 31.77
C THR A 258 15.61 9.64 30.81
N PHE A 259 16.25 10.17 29.77
CA PHE A 259 16.80 9.37 28.67
C PHE A 259 18.33 9.29 28.69
N SER A 260 18.96 9.97 29.63
CA SER A 260 20.41 10.12 29.63
C SER A 260 21.17 8.79 29.67
N HIS A 261 20.60 7.80 30.35
CA HIS A 261 21.22 6.48 30.46
C HIS A 261 20.88 5.53 29.29
N LEU A 262 20.18 6.03 28.27
CA LEU A 262 19.79 5.20 27.11
C LEU A 262 20.77 5.42 25.96
N SER A 263 22.02 5.02 26.16
CA SER A 263 23.10 5.30 25.21
C SER A 263 22.99 4.52 23.90
N ARG A 264 22.20 3.46 23.88
CA ARG A 264 22.02 2.65 22.68
C ARG A 264 20.77 3.05 21.88
N LEU A 265 20.13 4.16 22.26
CA LEU A 265 18.89 4.55 21.63
C LEU A 265 19.11 5.04 20.19
N GLU A 266 18.32 4.51 19.26
CA GLU A 266 18.43 4.84 17.84
C GLU A 266 17.16 5.51 17.33
N GLY A 267 16.02 5.11 17.86
CA GLY A 267 14.74 5.70 17.46
C GLY A 267 13.96 6.21 18.67
N LEU A 268 13.59 7.50 18.64
CA LEU A 268 12.76 8.09 19.68
C LEU A 268 11.55 8.77 19.05
N VAL A 269 10.36 8.33 19.45
CA VAL A 269 9.11 8.91 18.96
C VAL A 269 8.48 9.75 20.08
N LEU A 270 8.38 11.05 19.83
CA LEU A 270 7.74 12.00 20.74
C LEU A 270 6.57 12.71 20.04
N LYS A 271 5.93 12.05 19.08
CA LYS A 271 4.83 12.70 18.37
C LYS A 271 3.67 12.99 19.32
N ASP A 272 2.86 13.98 18.97
CA ASP A 272 1.60 14.26 19.65
C ASP A 272 1.73 14.26 21.19
N SER A 273 2.76 14.95 21.65
CA SER A 273 3.05 15.13 23.05
C SER A 273 2.95 16.61 23.48
N SER A 274 2.20 17.41 22.73
CA SER A 274 2.01 18.84 23.00
C SER A 274 3.28 19.59 23.42
N LEU A 275 4.35 19.45 22.63
CA LEU A 275 5.63 20.10 22.92
C LEU A 275 5.73 21.42 22.17
N TYR A 276 5.98 22.51 22.91
CA TYR A 276 6.25 23.84 22.34
C TYR A 276 7.75 24.05 22.15
N LYS A 277 8.54 23.19 22.78
CA LYS A 277 9.98 23.19 22.62
C LYS A 277 10.56 21.85 23.04
N LEU A 278 11.82 21.63 22.71
CA LEU A 278 12.56 20.50 23.23
C LEU A 278 13.56 20.99 24.27
N GLU A 279 14.06 20.05 25.05
CA GLU A 279 15.01 20.34 26.11
C GLU A 279 16.28 19.52 25.84
N LYS A 280 17.40 20.21 25.67
CA LYS A 280 18.64 19.64 25.14
C LYS A 280 19.12 18.36 25.83
N ASP A 281 19.34 18.46 27.13
CA ASP A 281 19.64 17.33 28.02
C ASP A 281 18.90 16.01 27.74
N TRP A 282 17.66 16.08 27.26
CA TRP A 282 16.97 14.88 26.82
C TRP A 282 17.83 14.09 25.83
N PHE A 283 18.43 14.81 24.88
CA PHE A 283 19.19 14.22 23.79
C PHE A 283 20.67 14.14 24.08
N ARG A 284 21.16 15.03 24.92
CA ARG A 284 22.57 15.05 25.26
C ARG A 284 22.88 13.84 26.14
N GLY A 285 23.38 12.77 25.49
CA GLY A 285 23.44 11.43 26.07
C GLY A 285 22.87 10.33 25.17
N LEU A 286 22.38 10.71 23.99
CA LEU A 286 21.84 9.78 23.00
C LEU A 286 22.65 9.88 21.70
N GLY A 287 23.90 9.42 21.76
CA GLY A 287 24.83 9.59 20.63
C GLY A 287 24.55 8.72 19.42
N ARG A 288 23.63 7.78 19.54
CA ARG A 288 23.31 6.82 18.48
C ARG A 288 22.00 7.12 17.75
N LEU A 289 21.40 8.30 18.02
CA LEU A 289 20.01 8.56 17.64
C LEU A 289 19.84 8.83 16.14
N GLN A 290 19.14 7.93 15.45
CA GLN A 290 19.01 7.92 13.98
C GLN A 290 17.72 8.61 13.52
N VAL A 291 16.62 8.18 14.12
CA VAL A 291 15.28 8.58 13.70
C VAL A 291 14.62 9.30 14.88
N LEU A 292 14.04 10.46 14.61
CA LEU A 292 13.34 11.24 15.62
C LEU A 292 12.00 11.73 15.07
N ASP A 293 10.91 11.29 15.68
CA ASP A 293 9.57 11.72 15.27
C ASP A 293 9.00 12.75 16.26
N LEU A 294 8.93 14.00 15.80
CA LEU A 294 8.41 15.11 16.59
C LEU A 294 7.11 15.65 16.02
N SER A 295 6.42 14.84 15.23
CA SER A 295 5.23 15.31 14.53
C SER A 295 4.09 15.60 15.49
N GLU A 296 3.17 16.46 15.05
CA GLU A 296 1.95 16.79 15.80
C GLU A 296 2.21 17.44 17.16
N ASN A 297 3.27 18.25 17.23
CA ASN A 297 3.59 19.03 18.43
C ASN A 297 3.32 20.51 18.17
N PHE A 298 3.95 21.43 18.92
CA PHE A 298 3.81 22.86 18.66
C PHE A 298 5.17 23.50 18.40
N LEU A 299 5.99 22.84 17.59
CA LEU A 299 7.38 23.24 17.40
C LEU A 299 7.61 24.26 16.29
N TYR A 300 6.55 24.91 15.83
CA TYR A 300 6.65 25.92 14.76
C TYR A 300 7.63 27.06 15.05
N ASP A 301 7.61 27.60 16.27
CA ASP A 301 8.51 28.68 16.64
C ASP A 301 9.87 28.13 17.04
N TYR A 302 9.87 26.97 17.68
CA TYR A 302 11.10 26.33 18.16
C TYR A 302 12.10 26.10 17.03
N ILE A 303 11.65 25.59 15.90
CA ILE A 303 12.54 25.24 14.77
C ILE A 303 13.10 26.43 14.00
N THR A 304 12.56 27.62 14.24
CA THR A 304 13.08 28.84 13.62
C THR A 304 14.29 29.38 14.37
N LYS A 305 14.36 29.10 15.67
CA LYS A 305 15.39 29.68 16.53
C LYS A 305 16.30 28.66 17.23
N THR A 306 15.88 27.40 17.30
CA THR A 306 16.62 26.40 18.09
C THR A 306 18.06 26.18 17.63
N THR A 307 18.88 25.77 18.58
CA THR A 307 20.27 25.44 18.32
C THR A 307 20.56 23.98 18.69
N ILE A 308 19.50 23.19 18.88
CA ILE A 308 19.61 21.80 19.33
C ILE A 308 20.07 20.86 18.21
N PHE A 309 19.95 21.27 16.95
CA PHE A 309 20.32 20.41 15.83
C PHE A 309 21.83 20.30 15.65
N ASN A 310 22.56 21.14 16.36
CA ASN A 310 24.00 20.95 16.54
C ASN A 310 24.18 19.84 17.58
N ASP A 311 25.10 18.91 17.31
CA ASP A 311 25.26 17.70 18.13
C ASP A 311 24.00 16.80 18.20
N LEU A 312 23.18 16.87 17.13
CA LEU A 312 22.32 15.76 16.75
C LEU A 312 22.83 15.35 15.37
N THR A 313 24.13 15.11 15.29
CA THR A 313 24.82 15.00 14.02
C THR A 313 24.69 13.63 13.39
N GLN A 314 24.27 12.64 14.17
CA GLN A 314 24.06 11.29 13.65
C GLN A 314 22.61 11.08 13.19
N LEU A 315 21.77 12.10 13.32
CA LEU A 315 20.36 11.98 12.97
C LEU A 315 20.16 11.81 11.46
N ARG A 316 19.36 10.80 11.08
CA ARG A 316 19.15 10.42 9.67
C ARG A 316 17.76 10.79 9.18
N ARG A 317 16.75 10.50 9.99
CA ARG A 317 15.36 10.80 9.65
C ARG A 317 14.75 11.70 10.72
N LEU A 318 14.11 12.79 10.30
CA LEU A 318 13.51 13.75 11.20
C LEU A 318 12.11 14.13 10.73
N ASN A 319 11.12 13.81 11.56
CA ASN A 319 9.73 14.13 11.27
C ASN A 319 9.26 15.32 12.11
N LEU A 320 8.90 16.40 11.41
CA LEU A 320 8.41 17.62 12.05
C LEU A 320 6.98 17.97 11.61
N SER A 321 6.29 16.99 11.04
CA SER A 321 5.02 17.27 10.39
C SER A 321 3.93 17.68 11.37
N PHE A 322 2.95 18.41 10.85
CA PHE A 322 1.83 18.95 11.62
C PHE A 322 2.22 19.64 12.92
N ASN A 323 3.32 20.40 12.85
CA ASN A 323 3.66 21.33 13.91
C ASN A 323 3.18 22.70 13.48
N TYR A 324 1.86 22.85 13.53
CA TYR A 324 1.18 24.00 12.98
C TYR A 324 0.52 24.78 14.10
N HIS A 325 0.27 26.06 13.84
CA HIS A 325 -0.44 26.92 14.78
C HIS A 325 -1.94 26.72 14.61
N LYS A 326 -2.66 26.64 15.73
CA LYS A 326 -4.08 26.29 15.73
C LYS A 326 -4.93 27.04 14.72
N LYS A 327 -4.81 28.37 14.72
CA LYS A 327 -5.70 29.23 13.92
C LYS A 327 -5.09 29.82 12.65
N VAL A 328 -3.79 29.67 12.41
CA VAL A 328 -3.14 30.40 11.31
C VAL A 328 -2.18 29.61 10.42
N SER A 329 -1.83 30.25 9.32
CA SER A 329 -0.69 29.84 8.51
C SER A 329 0.32 31.00 8.54
N PHE A 330 1.60 30.67 8.56
CA PHE A 330 2.63 31.69 8.68
C PHE A 330 2.93 32.29 7.32
N ALA A 331 3.25 33.57 7.30
CA ALA A 331 3.58 34.25 6.05
C ALA A 331 4.80 33.59 5.41
N HIS A 332 5.89 33.57 6.17
CA HIS A 332 7.14 32.96 5.73
C HIS A 332 7.50 31.88 6.73
N LEU A 333 8.64 31.24 6.53
CA LEU A 333 9.12 30.22 7.47
C LEU A 333 10.62 30.10 7.25
N HIS A 334 11.40 30.54 8.23
CA HIS A 334 12.86 30.47 8.15
C HIS A 334 13.36 29.43 9.13
N LEU A 335 14.10 28.45 8.60
CA LEU A 335 14.65 27.40 9.46
C LEU A 335 15.90 27.89 10.16
N ALA A 336 16.00 27.57 11.45
CA ALA A 336 17.17 27.90 12.25
C ALA A 336 18.46 27.45 11.57
N SER A 337 19.51 28.23 11.80
CA SER A 337 20.84 27.95 11.28
C SER A 337 21.35 26.56 11.69
N SER A 338 20.91 26.08 12.84
CA SER A 338 21.37 24.80 13.41
C SER A 338 21.00 23.57 12.59
N PHE A 339 20.01 23.69 11.71
CA PHE A 339 19.67 22.62 10.75
C PHE A 339 20.84 22.27 9.83
N GLY A 340 21.79 23.18 9.68
CA GLY A 340 22.91 22.94 8.78
C GLY A 340 23.93 21.94 9.25
N SER A 341 23.58 21.02 10.17
CA SER A 341 24.61 20.18 10.79
C SER A 341 24.31 19.02 11.78
N LEU A 342 23.42 18.02 11.61
CA LEU A 342 22.56 17.59 10.48
C LEU A 342 23.24 17.19 9.15
N VAL A 343 24.51 16.81 9.24
CA VAL A 343 25.24 16.29 8.09
C VAL A 343 24.88 14.83 7.75
N SER A 344 24.26 14.12 8.70
CA SER A 344 23.82 12.74 8.49
C SER A 344 22.38 12.63 7.99
N LEU A 345 21.72 13.77 7.78
CA LEU A 345 20.28 13.76 7.51
C LEU A 345 19.94 13.29 6.10
N GLU A 346 19.04 12.32 6.03
CA GLU A 346 18.62 11.70 4.77
C GLU A 346 17.18 12.07 4.39
N LYS A 347 16.31 12.20 5.40
CA LYS A 347 14.89 12.44 5.18
C LYS A 347 14.35 13.48 6.17
N LEU A 348 13.83 14.59 5.61
CA LEU A 348 13.23 15.63 6.41
C LEU A 348 11.76 15.78 6.00
N ASP A 349 10.88 15.58 6.96
CA ASP A 349 9.45 15.68 6.73
C ASP A 349 8.90 16.92 7.43
N MET A 350 8.47 17.91 6.65
CA MET A 350 7.91 19.15 7.17
C MET A 350 6.54 19.45 6.60
N HIS A 351 5.71 18.44 6.43
CA HIS A 351 4.38 18.66 5.86
C HIS A 351 3.41 19.06 6.95
N GLY A 352 2.41 19.85 6.60
CA GLY A 352 1.35 20.26 7.54
C GLY A 352 1.74 21.26 8.62
N ILE A 353 2.77 22.06 8.37
CA ILE A 353 3.12 23.18 9.27
C ILE A 353 2.35 24.46 8.90
N PHE A 354 2.01 24.59 7.62
CA PHE A 354 1.24 25.72 7.08
C PHE A 354 2.05 27.01 7.00
N PHE A 355 2.66 27.23 5.85
CA PHE A 355 3.27 28.51 5.51
C PHE A 355 3.06 28.80 4.03
N ARG A 356 2.84 30.08 3.71
CA ARG A 356 2.36 30.48 2.38
C ARG A 356 3.46 30.71 1.35
N SER A 357 4.68 30.98 1.80
CA SER A 357 5.76 31.37 0.90
C SER A 357 6.98 30.46 1.08
N LEU A 358 7.43 29.87 -0.03
CA LEU A 358 8.66 29.08 -0.04
C LEU A 358 9.72 29.81 -0.87
N THR A 359 10.82 30.18 -0.22
CA THR A 359 11.88 31.00 -0.84
C THR A 359 13.29 30.43 -0.64
N ASN A 360 14.28 31.13 -1.20
CA ASN A 360 15.71 30.86 -0.98
C ASN A 360 16.10 30.90 0.49
N ILE A 361 15.47 31.79 1.26
CA ILE A 361 15.77 31.94 2.69
C ILE A 361 15.23 30.74 3.47
N THR A 362 14.00 30.35 3.18
CA THR A 362 13.32 29.25 3.88
C THR A 362 14.20 28.04 4.17
N LEU A 363 14.80 27.47 3.13
CA LEU A 363 15.57 26.23 3.24
C LEU A 363 17.07 26.47 3.16
N GLN A 364 17.50 27.68 3.50
CA GLN A 364 18.89 28.10 3.39
C GLN A 364 19.81 27.12 4.12
N SER A 365 19.43 26.76 5.34
CA SER A 365 20.21 25.88 6.22
C SER A 365 20.49 24.52 5.59
N LEU A 366 19.54 24.02 4.81
CA LEU A 366 19.57 22.65 4.30
C LEU A 366 20.40 22.50 3.03
N THR A 367 20.72 23.62 2.41
CA THR A 367 21.33 23.68 1.07
C THR A 367 22.62 22.87 0.92
N ARG A 368 23.36 22.66 2.02
CA ARG A 368 24.70 22.05 1.95
C ARG A 368 24.81 20.66 2.60
N LEU A 369 23.70 20.13 3.12
CA LEU A 369 23.72 18.81 3.75
C LEU A 369 23.96 17.75 2.69
N PRO A 370 25.06 16.99 2.82
CA PRO A 370 25.52 16.17 1.68
C PRO A 370 24.71 14.91 1.38
N LYS A 371 23.84 14.49 2.29
CA LYS A 371 23.11 13.22 2.14
C LYS A 371 21.59 13.40 2.04
N LEU A 372 21.12 14.64 2.10
CA LEU A 372 19.68 14.90 2.10
C LEU A 372 19.05 14.47 0.75
N GLN A 373 18.25 13.42 0.82
CA GLN A 373 17.64 12.81 -0.38
C GLN A 373 16.15 13.09 -0.50
N SER A 374 15.46 13.22 0.63
CA SER A 374 14.01 13.37 0.66
C SER A 374 13.59 14.59 1.48
N LEU A 375 12.86 15.48 0.83
CA LEU A 375 12.30 16.63 1.50
C LEU A 375 10.80 16.63 1.27
N HIS A 376 10.02 16.46 2.35
CA HIS A 376 8.57 16.41 2.27
C HIS A 376 7.93 17.71 2.73
N LEU A 377 7.26 18.40 1.80
CA LEU A 377 6.74 19.76 2.02
C LEU A 377 5.27 19.89 1.60
N GLN A 378 4.57 18.77 1.54
CA GLN A 378 3.18 18.77 1.09
C GLN A 378 2.27 19.36 2.17
N LEU A 379 1.03 19.65 1.80
CA LEU A 379 0.00 20.10 2.75
C LEU A 379 0.43 21.30 3.60
N ASN A 380 1.15 22.25 2.99
CA ASN A 380 1.58 23.46 3.70
C ASN A 380 0.82 24.73 3.33
N PHE A 381 -0.12 24.63 2.40
CA PHE A 381 -0.85 25.81 1.87
C PHE A 381 0.04 26.88 1.25
N ILE A 382 1.14 26.47 0.65
CA ILE A 382 2.08 27.37 -0.03
C ILE A 382 1.44 27.93 -1.30
N ASN A 383 1.48 29.26 -1.42
CA ASN A 383 1.02 30.00 -2.62
C ASN A 383 2.13 30.28 -3.61
N GLN A 384 3.32 30.58 -3.09
CA GLN A 384 4.47 30.98 -3.90
C GLN A 384 5.64 30.07 -3.61
N ALA A 385 6.18 29.43 -4.66
CA ALA A 385 7.29 28.52 -4.52
C ALA A 385 8.42 28.88 -5.49
N GLN A 386 9.58 29.14 -4.91
CA GLN A 386 10.77 29.43 -5.68
C GLN A 386 11.45 28.08 -5.97
N LEU A 387 11.09 27.46 -7.09
CA LEU A 387 11.50 26.08 -7.38
C LEU A 387 12.98 25.91 -7.74
N SER A 388 13.63 26.97 -8.18
CA SER A 388 15.06 26.92 -8.52
C SER A 388 15.93 26.59 -7.31
N ILE A 389 15.44 26.93 -6.12
CA ILE A 389 16.06 26.57 -4.84
C ILE A 389 16.57 25.12 -4.83
N PHE A 390 15.74 24.21 -5.33
CA PHE A 390 16.02 22.78 -5.26
C PHE A 390 17.19 22.31 -6.13
N GLY A 391 17.52 23.10 -7.15
CA GLY A 391 18.70 22.86 -7.97
C GLY A 391 19.99 22.97 -7.19
N ALA A 392 19.97 23.70 -6.08
CA ALA A 392 21.15 23.91 -5.23
C ALA A 392 21.55 22.71 -4.35
N PHE A 393 20.65 21.74 -4.14
CA PHE A 393 20.89 20.65 -3.17
C PHE A 393 21.74 19.53 -3.79
N PRO A 394 22.72 18.99 -3.04
CA PRO A 394 23.62 18.00 -3.65
C PRO A 394 23.04 16.59 -3.89
N SER A 395 22.18 16.12 -3.01
CA SER A 395 21.78 14.70 -3.00
C SER A 395 20.28 14.47 -3.17
N LEU A 396 19.54 15.51 -3.51
CA LEU A 396 18.09 15.45 -3.54
C LEU A 396 17.55 14.48 -4.59
N LEU A 397 16.74 13.52 -4.13
CA LEU A 397 16.07 12.54 -5.00
C LEU A 397 14.55 12.74 -5.04
N PHE A 398 13.95 13.24 -3.95
CA PHE A 398 12.52 13.42 -3.87
C PHE A 398 12.12 14.70 -3.14
N VAL A 399 11.39 15.55 -3.85
CA VAL A 399 10.82 16.75 -3.26
C VAL A 399 9.33 16.66 -3.47
N ASP A 400 8.58 16.65 -2.36
CA ASP A 400 7.14 16.60 -2.43
C ASP A 400 6.58 17.95 -2.04
N LEU A 401 5.98 18.61 -3.02
CA LEU A 401 5.30 19.87 -2.82
C LEU A 401 3.83 19.73 -3.19
N SER A 402 3.33 18.50 -3.15
CA SER A 402 1.96 18.21 -3.54
C SER A 402 0.98 18.79 -2.53
N ASP A 403 -0.31 18.77 -2.89
CA ASP A 403 -1.38 19.30 -2.03
C ASP A 403 -1.05 20.66 -1.43
N ASN A 404 -0.55 21.56 -2.27
CA ASN A 404 -0.30 22.92 -1.85
C ASN A 404 -1.22 23.83 -2.65
N ARG A 405 -0.98 25.13 -2.62
CA ARG A 405 -1.75 26.07 -3.44
C ARG A 405 -0.83 26.83 -4.39
N ILE A 406 0.24 26.17 -4.84
CA ILE A 406 1.24 26.85 -5.65
C ILE A 406 0.59 27.38 -6.93
N SER A 407 1.04 28.55 -7.38
CA SER A 407 0.45 29.22 -8.52
C SER A 407 1.53 30.02 -9.26
N SER A 448 9.74 3.64 -14.39
CA SER A 448 10.22 3.23 -13.07
C SER A 448 10.17 4.43 -12.10
N CYS A 449 11.30 5.15 -11.99
CA CYS A 449 11.36 6.53 -11.44
C CYS A 449 11.25 6.74 -9.91
N ASN A 450 11.11 5.66 -9.16
CA ASN A 450 11.70 5.65 -7.84
C ASN A 450 13.21 5.71 -8.08
N LEU A 451 13.93 6.46 -7.24
CA LEU A 451 15.40 6.46 -7.22
C LEU A 451 16.09 7.39 -8.26
N ASN A 452 15.32 8.22 -8.96
CA ASN A 452 15.89 9.40 -9.63
C ASN A 452 15.28 10.68 -9.06
N PHE A 453 15.89 11.80 -9.39
CA PHE A 453 15.43 13.10 -8.95
C PHE A 453 13.99 13.39 -9.39
N THR A 454 13.09 13.49 -8.41
CA THR A 454 11.64 13.64 -8.65
C THR A 454 11.08 14.85 -7.89
N LEU A 455 10.19 15.58 -8.56
CA LEU A 455 9.47 16.70 -7.95
C LEU A 455 7.98 16.48 -8.14
N ASP A 456 7.25 16.36 -7.03
CA ASP A 456 5.80 16.19 -7.08
C ASP A 456 5.11 17.52 -6.76
N LEU A 457 4.54 18.13 -7.79
CA LEU A 457 3.73 19.35 -7.63
C LEU A 457 2.24 19.07 -7.80
N SER A 458 1.83 17.81 -7.77
CA SER A 458 0.43 17.52 -8.03
C SER A 458 -0.47 18.14 -6.95
N ARG A 459 -1.72 18.40 -7.30
CA ARG A 459 -2.71 18.96 -6.37
C ARG A 459 -2.33 20.36 -5.89
N ASN A 460 -2.07 21.22 -6.86
CA ASN A 460 -1.83 22.64 -6.65
C ASN A 460 -2.76 23.40 -7.61
N ASN A 461 -2.59 24.71 -7.71
CA ASN A 461 -3.46 25.54 -8.54
C ASN A 461 -2.74 26.15 -9.75
N LEU A 462 -1.88 25.36 -10.39
CA LEU A 462 -1.17 25.83 -11.59
C LEU A 462 -2.15 25.90 -12.75
N VAL A 463 -2.15 27.04 -13.43
CA VAL A 463 -3.03 27.29 -14.56
C VAL A 463 -2.24 27.33 -15.87
N THR A 464 -1.09 27.98 -15.84
CA THR A 464 -0.17 27.92 -16.95
C THR A 464 1.20 27.57 -16.43
N ILE A 465 1.93 26.79 -17.21
CA ILE A 465 3.32 26.50 -16.95
C ILE A 465 4.16 27.48 -17.76
N GLN A 466 5.11 28.12 -17.07
CA GLN A 466 6.11 28.95 -17.71
C GLN A 466 7.46 28.27 -17.52
N GLN A 467 8.27 28.29 -18.58
CA GLN A 467 9.59 27.66 -18.55
C GLN A 467 10.52 28.23 -17.46
N GLU A 468 10.29 29.48 -17.08
CA GLU A 468 11.10 30.13 -16.02
C GLU A 468 10.88 29.54 -14.63
N MET A 469 9.83 28.72 -14.45
CA MET A 469 9.64 27.99 -13.20
C MET A 469 10.68 26.90 -12.99
N PHE A 470 11.26 26.41 -14.08
CA PHE A 470 12.17 25.25 -14.01
C PHE A 470 13.63 25.62 -14.20
N THR A 471 13.94 26.91 -14.06
CA THR A 471 15.33 27.35 -14.06
C THR A 471 16.04 26.60 -12.96
N ARG A 472 17.19 26.02 -13.28
CA ARG A 472 18.06 25.34 -12.31
C ARG A 472 17.67 23.88 -12.08
N LEU A 473 16.65 23.38 -12.78
CA LEU A 473 16.18 22.01 -12.57
C LEU A 473 16.49 21.09 -13.77
N SER A 474 17.59 21.36 -14.46
CA SER A 474 18.01 20.54 -15.61
C SER A 474 18.30 19.08 -15.20
N ARG A 475 18.57 18.89 -13.90
CA ARG A 475 18.86 17.56 -13.34
C ARG A 475 17.61 16.71 -13.14
N LEU A 476 16.44 17.35 -13.09
CA LEU A 476 15.18 16.68 -12.77
C LEU A 476 14.80 15.63 -13.82
N GLN A 477 14.41 14.45 -13.36
CA GLN A 477 14.07 13.33 -14.25
C GLN A 477 12.59 12.95 -14.25
N CYS A 478 11.90 13.25 -13.14
CA CYS A 478 10.49 12.93 -13.02
C CYS A 478 9.74 14.13 -12.44
N LEU A 479 8.64 14.53 -13.08
CA LEU A 479 7.83 15.66 -12.63
C LEU A 479 6.34 15.28 -12.64
N ARG A 480 5.73 15.34 -11.47
CA ARG A 480 4.29 15.11 -11.33
C ARG A 480 3.58 16.46 -11.24
N LEU A 481 2.76 16.74 -12.25
CA LEU A 481 1.97 17.97 -12.30
C LEU A 481 0.50 17.61 -12.36
N SER A 482 0.17 16.48 -11.76
CA SER A 482 -1.18 15.94 -11.74
C SER A 482 -2.15 16.83 -10.95
N HIS A 483 -3.43 16.76 -11.28
CA HIS A 483 -4.49 17.43 -10.50
C HIS A 483 -4.21 18.91 -10.28
N ASN A 484 -3.76 19.59 -11.34
CA ASN A 484 -3.63 21.05 -11.30
C ASN A 484 -4.81 21.66 -12.06
N SER A 485 -4.70 22.90 -12.50
CA SER A 485 -5.81 23.57 -13.20
C SER A 485 -5.35 23.97 -14.59
N ILE A 486 -4.46 23.17 -15.18
CA ILE A 486 -3.69 23.63 -16.33
C ILE A 486 -4.54 23.61 -17.59
N SER A 487 -4.78 24.80 -18.14
CA SER A 487 -5.63 25.00 -19.31
C SER A 487 -4.81 25.53 -20.52
N GLN A 488 -3.50 25.42 -20.42
CA GLN A 488 -2.60 26.00 -21.42
C GLN A 488 -2.65 25.23 -22.75
N ALA A 489 -2.38 25.95 -23.84
CA ALA A 489 -2.14 25.31 -25.14
C ALA A 489 -0.66 24.96 -25.17
N VAL A 490 -0.37 23.69 -24.94
CA VAL A 490 1.01 23.23 -24.87
C VAL A 490 1.57 23.19 -26.30
N ASN A 491 2.62 23.97 -26.53
CA ASN A 491 3.10 24.27 -27.87
C ASN A 491 4.63 24.10 -28.02
N GLY A 492 5.24 23.29 -27.14
CA GLY A 492 6.69 23.09 -27.17
C GLY A 492 7.52 24.14 -26.44
N SER A 493 6.90 24.90 -25.55
CA SER A 493 7.56 26.05 -24.94
C SER A 493 7.42 26.13 -23.40
N GLN A 494 7.03 25.04 -22.77
CA GLN A 494 6.70 25.06 -21.32
C GLN A 494 7.80 24.52 -20.42
N PHE A 495 8.49 23.49 -20.89
CA PHE A 495 9.40 22.69 -20.06
C PHE A 495 10.85 22.74 -20.55
N VAL A 496 11.25 23.88 -21.12
CA VAL A 496 12.50 23.97 -21.89
C VAL A 496 13.74 23.60 -21.06
N PRO A 497 13.85 24.14 -19.84
CA PRO A 497 15.08 23.80 -19.09
C PRO A 497 15.17 22.34 -18.63
N LEU A 498 14.06 21.60 -18.62
CA LEU A 498 14.05 20.23 -18.10
C LEU A 498 14.62 19.21 -19.11
N THR A 499 15.95 19.26 -19.30
CA THR A 499 16.61 18.47 -20.35
C THR A 499 16.80 17.00 -19.98
N SER A 500 16.77 16.69 -18.69
CA SER A 500 16.90 15.30 -18.24
C SER A 500 15.56 14.61 -18.01
N LEU A 501 14.45 15.34 -18.22
CA LEU A 501 13.12 14.85 -17.87
C LEU A 501 12.73 13.56 -18.59
N ARG A 502 12.54 12.51 -17.80
CA ARG A 502 12.18 11.18 -18.29
C ARG A 502 10.71 10.85 -18.08
N VAL A 503 10.10 11.41 -17.03
CA VAL A 503 8.70 11.15 -16.71
C VAL A 503 7.96 12.47 -16.49
N LEU A 504 6.85 12.63 -17.19
CA LEU A 504 5.97 13.79 -17.01
C LEU A 504 4.52 13.36 -16.86
N ASP A 505 4.00 13.46 -15.63
CA ASP A 505 2.61 13.13 -15.34
C ASP A 505 1.80 14.43 -15.37
N LEU A 506 0.92 14.54 -16.36
CA LEU A 506 0.06 15.71 -16.52
C LEU A 506 -1.41 15.31 -16.48
N SER A 507 -1.70 14.19 -15.85
CA SER A 507 -3.08 13.74 -15.72
C SER A 507 -3.93 14.71 -14.89
N HIS A 508 -5.26 14.57 -14.99
CA HIS A 508 -6.22 15.40 -14.24
C HIS A 508 -5.94 16.90 -14.43
N ASN A 509 -6.05 17.34 -15.68
CA ASN A 509 -5.87 18.74 -16.03
C ASN A 509 -6.78 19.11 -17.19
N LYS A 510 -6.66 20.32 -17.72
CA LYS A 510 -7.47 20.73 -18.86
C LYS A 510 -6.57 21.05 -20.06
N LEU A 511 -5.51 20.27 -20.27
CA LEU A 511 -4.57 20.56 -21.36
C LEU A 511 -5.25 20.53 -22.72
N ASP A 512 -5.15 21.62 -23.47
CA ASP A 512 -5.65 21.62 -24.84
C ASP A 512 -4.54 21.27 -25.81
N LEU A 513 -4.73 20.15 -26.51
CA LEU A 513 -3.70 19.59 -27.38
C LEU A 513 -4.09 19.78 -28.83
N TYR A 514 -3.84 20.99 -29.34
CA TYR A 514 -4.17 21.35 -30.71
C TYR A 514 -2.90 21.56 -31.56
N HIS A 515 -1.85 22.09 -30.95
CA HIS A 515 -0.56 22.23 -31.60
C HIS A 515 0.05 20.85 -31.83
N GLY A 516 0.65 20.66 -33.02
CA GLY A 516 1.31 19.41 -33.35
C GLY A 516 2.69 19.24 -32.74
N ARG A 517 3.18 20.27 -32.06
CA ARG A 517 4.52 20.27 -31.46
C ARG A 517 4.48 20.42 -29.93
N SER A 518 3.45 19.84 -29.31
CA SER A 518 3.37 19.76 -27.86
C SER A 518 4.46 18.82 -27.33
N PHE A 519 5.12 19.22 -26.25
CA PHE A 519 6.18 18.43 -25.60
C PHE A 519 7.44 18.22 -26.47
N THR A 520 7.57 19.00 -27.53
CA THR A 520 8.68 18.85 -28.46
C THR A 520 10.03 19.27 -27.86
N GLU A 521 9.97 20.03 -26.76
CA GLU A 521 11.19 20.42 -26.03
C GLU A 521 11.74 19.29 -25.14
N LEU A 522 11.05 18.15 -25.10
CA LEU A 522 11.53 16.99 -24.34
C LEU A 522 11.73 15.76 -25.25
N PRO A 523 12.82 15.73 -26.04
CA PRO A 523 12.97 14.56 -26.91
C PRO A 523 13.47 13.34 -26.13
N GLN A 524 14.04 13.56 -24.95
CA GLN A 524 14.45 12.48 -24.05
C GLN A 524 13.30 11.91 -23.18
N LEU A 525 12.09 12.45 -23.33
CA LEU A 525 10.96 12.01 -22.51
C LEU A 525 10.53 10.57 -22.84
N GLU A 526 10.48 9.72 -21.81
CA GLU A 526 10.15 8.30 -21.98
C GLU A 526 8.71 7.95 -21.64
N ALA A 527 8.10 8.74 -20.76
CA ALA A 527 6.77 8.43 -20.24
C ALA A 527 5.96 9.70 -20.09
N LEU A 528 4.74 9.69 -20.63
CA LEU A 528 3.87 10.86 -20.55
C LEU A 528 2.44 10.43 -20.19
N ASP A 529 1.94 10.93 -19.08
CA ASP A 529 0.59 10.61 -18.64
C ASP A 529 -0.33 11.79 -18.93
N LEU A 530 -1.24 11.61 -19.90
CA LEU A 530 -2.20 12.65 -20.26
C LEU A 530 -3.64 12.18 -20.02
N SER A 531 -3.84 11.28 -19.07
CA SER A 531 -5.19 10.85 -18.72
C SER A 531 -5.98 11.94 -17.96
N TYR A 532 -7.31 11.80 -17.98
CA TYR A 532 -8.22 12.70 -17.26
C TYR A 532 -8.01 14.15 -17.62
N ASN A 533 -7.91 14.38 -18.93
CA ASN A 533 -7.96 15.71 -19.52
C ASN A 533 -9.13 15.75 -20.50
N SER A 534 -10.27 15.22 -20.06
CA SER A 534 -11.42 15.01 -20.93
C SER A 534 -12.19 16.27 -21.31
N GLN A 535 -12.00 17.35 -20.56
CA GLN A 535 -12.75 18.58 -20.81
C GLN A 535 -12.42 19.14 -22.20
N PRO A 536 -11.12 19.30 -22.55
CA PRO A 536 -10.78 19.66 -23.95
C PRO A 536 -11.25 18.65 -24.99
N PHE A 537 -10.93 17.37 -24.78
CA PHE A 537 -11.26 16.30 -25.74
C PHE A 537 -12.75 16.05 -25.96
N SER A 538 -13.56 16.30 -24.93
CA SER A 538 -15.00 16.10 -25.03
C SER A 538 -15.73 17.30 -25.62
N MET A 539 -15.01 18.37 -25.94
CA MET A 539 -15.61 19.51 -26.65
C MET A 539 -16.13 19.00 -27.99
N GLN A 540 -17.42 19.26 -28.24
CA GLN A 540 -18.07 18.86 -29.48
C GLN A 540 -17.74 19.88 -30.56
N GLY A 541 -17.54 19.40 -31.79
CA GLY A 541 -17.25 20.27 -32.93
C GLY A 541 -15.87 20.88 -32.96
N VAL A 542 -14.99 20.46 -32.04
CA VAL A 542 -13.63 20.97 -31.96
C VAL A 542 -12.67 19.81 -32.26
N GLY A 543 -11.65 20.09 -33.07
CA GLY A 543 -10.67 19.08 -33.45
C GLY A 543 -9.61 18.85 -32.41
N HIS A 544 -8.92 17.71 -32.52
CA HIS A 544 -7.83 17.39 -31.60
C HIS A 544 -6.67 16.67 -32.30
N ASN A 545 -5.50 17.32 -32.30
CA ASN A 545 -4.32 16.84 -33.01
C ASN A 545 -3.45 15.98 -32.10
N LEU A 546 -3.27 14.72 -32.48
CA LEU A 546 -2.43 13.79 -31.72
C LEU A 546 -1.16 13.47 -32.47
N SER A 547 -0.78 14.34 -33.40
CA SER A 547 0.40 14.11 -34.24
C SER A 547 1.68 14.23 -33.42
N PHE A 548 1.61 14.98 -32.31
CA PHE A 548 2.79 15.22 -31.45
C PHE A 548 3.45 13.95 -30.94
N VAL A 549 2.67 12.88 -30.82
CA VAL A 549 3.20 11.57 -30.44
C VAL A 549 4.33 11.15 -31.40
N ALA A 550 4.11 11.36 -32.69
CA ALA A 550 5.13 11.07 -33.72
C ALA A 550 6.41 11.89 -33.52
N GLN A 551 6.29 13.07 -32.90
CA GLN A 551 7.45 13.97 -32.71
C GLN A 551 8.24 13.74 -31.42
N LEU A 552 7.91 12.70 -30.65
CA LEU A 552 8.65 12.39 -29.40
C LEU A 552 9.48 11.11 -29.54
N PRO A 553 10.77 11.26 -29.91
CA PRO A 553 11.59 10.13 -30.38
C PRO A 553 11.84 9.01 -29.37
N SER A 554 11.85 9.30 -28.07
CA SER A 554 12.16 8.29 -27.07
C SER A 554 10.98 7.92 -26.16
N LEU A 555 9.76 8.30 -26.55
CA LEU A 555 8.57 8.01 -25.75
C LEU A 555 8.25 6.53 -25.76
N ARG A 556 8.16 5.94 -24.56
CA ARG A 556 7.89 4.51 -24.40
C ARG A 556 6.47 4.27 -23.86
N TYR A 557 6.05 5.10 -22.89
CA TYR A 557 4.73 4.98 -22.28
C TYR A 557 3.90 6.24 -22.52
N LEU A 558 2.70 6.08 -23.05
CA LEU A 558 1.75 7.19 -23.16
C LEU A 558 0.39 6.79 -22.57
N SER A 559 -0.22 7.70 -21.81
CA SER A 559 -1.59 7.50 -21.37
C SER A 559 -2.51 8.59 -21.92
N LEU A 560 -3.52 8.15 -22.66
CA LEU A 560 -4.64 9.02 -23.08
C LEU A 560 -5.92 8.54 -22.42
N ALA A 561 -5.79 7.82 -21.31
CA ALA A 561 -6.94 7.19 -20.68
C ALA A 561 -7.94 8.25 -20.19
N HIS A 562 -9.22 7.90 -20.31
CA HIS A 562 -10.31 8.66 -19.68
C HIS A 562 -10.36 10.09 -20.17
N ASN A 563 -10.16 10.25 -21.48
CA ASN A 563 -10.27 11.56 -22.13
C ASN A 563 -11.58 11.77 -22.89
N GLY A 564 -12.39 10.72 -23.03
CA GLY A 564 -13.57 10.77 -23.88
C GLY A 564 -13.31 11.07 -25.36
N ILE A 565 -12.14 10.71 -25.88
CA ILE A 565 -11.82 10.94 -27.29
C ILE A 565 -12.81 10.13 -28.13
N HIS A 566 -13.56 10.81 -28.99
CA HIS A 566 -14.65 10.17 -29.74
C HIS A 566 -14.77 10.57 -31.22
N SER A 567 -14.36 11.79 -31.57
CA SER A 567 -14.36 12.22 -32.97
C SER A 567 -13.46 13.44 -33.22
N ARG A 568 -13.37 13.84 -34.49
CA ARG A 568 -12.52 14.95 -34.93
C ARG A 568 -11.11 14.87 -34.36
N VAL A 569 -10.54 13.68 -34.43
CA VAL A 569 -9.20 13.43 -33.91
C VAL A 569 -8.34 12.97 -35.07
N SER A 570 -7.02 13.09 -34.92
CA SER A 570 -6.07 12.55 -35.88
C SER A 570 -6.46 11.14 -36.26
N GLN A 571 -6.27 10.79 -37.53
CA GLN A 571 -6.68 9.48 -38.02
C GLN A 571 -5.66 8.38 -37.72
N LYS A 572 -4.39 8.77 -37.53
CA LYS A 572 -3.33 7.79 -37.28
C LYS A 572 -2.40 8.25 -36.16
N LEU A 573 -2.03 7.31 -35.30
CA LEU A 573 -1.00 7.55 -34.29
C LEU A 573 0.26 6.85 -34.75
N SER A 574 1.34 7.61 -34.87
CA SER A 574 2.61 7.10 -35.38
C SER A 574 3.68 7.25 -34.33
N SER A 575 4.50 6.21 -34.20
CA SER A 575 5.64 6.26 -33.29
C SER A 575 6.44 4.99 -33.47
N ALA A 576 7.76 5.13 -33.52
CA ALA A 576 8.62 3.95 -33.59
C ALA A 576 9.00 3.48 -32.19
N SER A 577 9.05 4.40 -31.24
CA SER A 577 9.56 4.09 -29.91
C SER A 577 8.48 3.61 -28.91
N LEU A 578 7.22 3.98 -29.11
CA LEU A 578 6.18 3.70 -28.12
C LEU A 578 5.96 2.19 -27.91
N ARG A 579 6.00 1.77 -26.64
CA ARG A 579 5.79 0.37 -26.25
C ARG A 579 4.43 0.09 -25.61
N ALA A 580 3.90 1.09 -24.90
CA ALA A 580 2.61 0.93 -24.25
C ALA A 580 1.74 2.18 -24.38
N LEU A 581 0.50 1.97 -24.80
CA LEU A 581 -0.49 3.04 -24.93
C LEU A 581 -1.74 2.67 -24.11
N ASP A 582 -2.09 3.51 -23.15
CA ASP A 582 -3.34 3.35 -22.39
C ASP A 582 -4.37 4.23 -23.03
N PHE A 583 -5.33 3.61 -23.71
CA PHE A 583 -6.40 4.34 -24.38
C PHE A 583 -7.75 4.00 -23.76
N SER A 584 -7.73 3.57 -22.50
CA SER A 584 -8.95 3.25 -21.79
C SER A 584 -9.82 4.48 -21.60
N GLY A 585 -11.11 4.27 -21.33
CA GLY A 585 -12.02 5.38 -21.05
C GLY A 585 -12.17 6.40 -22.17
N ASN A 586 -12.15 5.92 -23.42
CA ASN A 586 -12.43 6.75 -24.59
C ASN A 586 -13.66 6.23 -25.29
N SER A 587 -13.98 6.77 -26.46
CA SER A 587 -15.05 6.21 -27.30
C SER A 587 -14.49 5.77 -28.65
N LEU A 588 -13.60 4.79 -28.60
CA LEU A 588 -13.12 4.15 -29.81
C LEU A 588 -14.29 3.54 -30.61
N SER A 589 -15.35 3.12 -29.91
CA SER A 589 -16.57 2.62 -30.57
C SER A 589 -17.13 3.61 -31.59
N GLN A 590 -17.36 4.84 -31.15
CA GLN A 590 -17.88 5.88 -32.02
C GLN A 590 -16.90 6.25 -33.15
N MET A 591 -15.61 6.20 -32.86
CA MET A 591 -14.56 6.45 -33.85
C MET A 591 -14.60 5.39 -34.93
N TRP A 592 -14.83 4.15 -34.53
CA TRP A 592 -14.89 3.05 -35.47
C TRP A 592 -16.27 2.87 -36.09
N ALA A 593 -17.23 3.72 -35.75
CA ALA A 593 -18.50 3.80 -36.48
C ALA A 593 -18.38 4.74 -37.68
N GLU A 594 -17.43 5.67 -37.63
CA GLU A 594 -17.26 6.69 -38.67
C GLU A 594 -16.55 6.17 -39.93
N GLY A 595 -17.16 5.21 -40.61
CA GLY A 595 -16.58 4.58 -41.79
C GLY A 595 -15.24 3.96 -41.46
N ASP A 596 -14.31 4.04 -42.40
CA ASP A 596 -12.97 3.50 -42.18
C ASP A 596 -11.94 4.60 -41.87
N LEU A 597 -12.42 5.81 -41.59
CA LEU A 597 -11.55 6.92 -41.18
C LEU A 597 -10.56 6.56 -40.08
N TYR A 598 -10.97 5.71 -39.15
CA TYR A 598 -10.11 5.36 -38.01
C TYR A 598 -9.71 3.89 -37.96
N LEU A 599 -9.71 3.23 -39.10
CA LEU A 599 -9.38 1.81 -39.18
C LEU A 599 -7.91 1.55 -38.81
N CYS A 600 -7.05 2.50 -39.13
CA CYS A 600 -5.62 2.34 -38.92
C CYS A 600 -5.08 3.33 -37.87
N PHE A 601 -5.85 3.50 -36.79
CA PHE A 601 -5.51 4.48 -35.75
C PHE A 601 -4.25 4.13 -34.96
N PHE A 602 -4.08 2.86 -34.64
CA PHE A 602 -2.93 2.39 -33.87
C PHE A 602 -1.81 1.83 -34.75
N LYS A 603 -2.13 1.55 -36.02
CA LYS A 603 -1.21 0.88 -36.96
C LYS A 603 0.19 1.49 -36.97
N GLY A 604 0.26 2.81 -37.00
CA GLY A 604 1.54 3.51 -37.03
C GLY A 604 2.43 3.36 -35.79
N LEU A 605 1.90 2.81 -34.71
CA LEU A 605 2.71 2.49 -33.54
C LEU A 605 3.39 1.12 -33.77
N ARG A 606 4.53 1.18 -34.44
CA ARG A 606 5.14 -0.02 -35.05
C ARG A 606 5.64 -1.05 -34.04
N ASN A 607 6.23 -0.58 -32.94
CA ASN A 607 6.79 -1.49 -31.93
C ASN A 607 5.96 -1.59 -30.64
N LEU A 608 4.67 -1.31 -30.74
CA LEU A 608 3.77 -1.33 -29.59
C LEU A 608 3.59 -2.76 -29.04
N VAL A 609 3.87 -2.92 -27.75
CA VAL A 609 3.80 -4.21 -27.03
C VAL A 609 2.51 -4.36 -26.20
N GLN A 610 2.03 -3.25 -25.64
CA GLN A 610 0.85 -3.24 -24.78
C GLN A 610 -0.13 -2.17 -25.21
N LEU A 611 -1.40 -2.55 -25.34
CA LEU A 611 -2.45 -1.63 -25.71
C LEU A 611 -3.63 -1.84 -24.77
N ASP A 612 -4.15 -0.74 -24.22
CA ASP A 612 -5.30 -0.83 -23.35
C ASP A 612 -6.50 -0.13 -23.96
N LEU A 613 -7.52 -0.91 -24.29
CA LEU A 613 -8.75 -0.40 -24.87
C LEU A 613 -9.95 -0.68 -23.95
N SER A 614 -9.68 -0.83 -22.66
CA SER A 614 -10.75 -1.09 -21.70
C SER A 614 -11.71 0.11 -21.69
N GLU A 615 -12.97 -0.16 -21.35
CA GLU A 615 -13.95 0.92 -21.20
C GLU A 615 -13.93 1.87 -22.41
N ASN A 616 -14.14 1.32 -23.60
CA ASN A 616 -14.29 2.15 -24.81
C ASN A 616 -15.64 1.96 -25.51
N HIS A 617 -16.62 1.46 -24.77
CA HIS A 617 -17.98 1.25 -25.25
C HIS A 617 -18.07 0.36 -26.50
N LEU A 618 -17.11 -0.55 -26.63
CA LEU A 618 -17.05 -1.43 -27.81
C LEU A 618 -18.11 -2.52 -27.74
N HIS A 619 -19.10 -2.42 -28.62
CA HIS A 619 -20.14 -3.43 -28.72
C HIS A 619 -19.71 -4.56 -29.66
N THR A 620 -18.71 -4.31 -30.48
CA THR A 620 -18.21 -5.30 -31.44
C THR A 620 -16.73 -5.07 -31.76
N LEU A 621 -16.09 -6.11 -32.26
CA LEU A 621 -14.66 -6.06 -32.56
C LEU A 621 -14.34 -6.92 -33.79
N LEU A 622 -14.39 -6.28 -34.96
CA LEU A 622 -14.17 -6.94 -36.25
C LEU A 622 -12.76 -7.51 -36.41
N PRO A 623 -12.61 -8.55 -37.24
CA PRO A 623 -11.28 -8.97 -37.70
C PRO A 623 -10.50 -7.81 -38.33
N ARG A 624 -11.21 -6.99 -39.12
CA ARG A 624 -10.72 -5.70 -39.60
C ARG A 624 -9.84 -4.94 -38.62
N HIS A 625 -10.39 -4.65 -37.44
CA HIS A 625 -9.75 -3.77 -36.47
C HIS A 625 -8.50 -4.42 -35.93
N LEU A 626 -8.64 -5.69 -35.53
CA LEU A 626 -7.51 -6.47 -35.05
C LEU A 626 -6.38 -6.55 -36.07
N ASP A 627 -6.74 -6.69 -37.35
CA ASP A 627 -5.75 -6.82 -38.41
C ASP A 627 -4.93 -5.53 -38.61
N ASN A 628 -5.53 -4.37 -38.35
CA ASN A 628 -4.84 -3.09 -38.52
C ASN A 628 -4.24 -2.56 -37.21
N LEU A 629 -3.97 -3.48 -36.31
CA LEU A 629 -3.38 -3.20 -35.03
C LEU A 629 -1.94 -3.68 -35.11
N PRO A 630 -1.00 -2.99 -34.43
CA PRO A 630 0.40 -3.41 -34.54
C PRO A 630 0.62 -4.90 -34.28
N LYS A 631 1.35 -5.55 -35.17
CA LYS A 631 1.62 -6.99 -35.09
C LYS A 631 2.59 -7.36 -33.97
N SER A 632 3.27 -6.36 -33.40
CA SER A 632 4.16 -6.55 -32.26
C SER A 632 3.44 -6.81 -30.91
N LEU A 633 2.12 -6.58 -30.85
CA LEU A 633 1.37 -6.64 -29.58
C LEU A 633 1.47 -7.94 -28.77
N ARG A 634 1.92 -7.82 -27.52
CA ARG A 634 1.93 -8.95 -26.60
C ARG A 634 0.80 -8.90 -25.56
N GLN A 635 0.28 -7.71 -25.26
CA GLN A 635 -0.82 -7.54 -24.29
C GLN A 635 -1.91 -6.67 -24.88
N LEU A 636 -3.15 -7.16 -24.86
CA LEU A 636 -4.29 -6.38 -25.29
C LEU A 636 -5.39 -6.49 -24.25
N ARG A 637 -5.68 -5.37 -23.59
CA ARG A 637 -6.71 -5.31 -22.56
C ARG A 637 -8.00 -4.73 -23.12
N LEU A 638 -9.11 -5.42 -22.87
CA LEU A 638 -10.42 -5.01 -23.34
C LEU A 638 -11.46 -5.05 -22.23
N ARG A 639 -11.03 -4.83 -20.98
CA ARG A 639 -11.95 -4.90 -19.84
C ARG A 639 -13.16 -4.00 -20.01
N ASP A 640 -14.28 -4.43 -19.46
CA ASP A 640 -15.43 -3.55 -19.23
C ASP A 640 -15.88 -2.79 -20.49
N ASN A 641 -15.91 -3.50 -21.61
CA ASN A 641 -16.60 -3.03 -22.81
C ASN A 641 -17.95 -3.75 -22.87
N ASN A 642 -18.67 -3.65 -23.98
CA ASN A 642 -19.99 -4.27 -24.14
C ASN A 642 -19.98 -5.40 -25.16
N LEU A 643 -19.00 -6.28 -25.06
CA LEU A 643 -18.81 -7.35 -26.05
C LEU A 643 -19.60 -8.61 -25.70
N ALA A 644 -20.60 -8.92 -26.51
CA ALA A 644 -21.42 -10.11 -26.34
C ALA A 644 -20.95 -11.27 -27.20
N PHE A 645 -20.07 -10.99 -28.15
CA PHE A 645 -19.51 -11.99 -29.07
C PHE A 645 -18.03 -11.71 -29.25
N PHE A 646 -17.25 -12.74 -29.53
CA PHE A 646 -15.84 -12.58 -29.83
C PHE A 646 -15.34 -13.64 -30.82
N ASN A 647 -14.91 -13.21 -32.00
CA ASN A 647 -14.35 -14.13 -32.99
C ASN A 647 -12.96 -14.53 -32.53
N TRP A 648 -12.86 -15.73 -31.94
CA TRP A 648 -11.60 -16.23 -31.40
C TRP A 648 -10.57 -16.55 -32.47
N SER A 649 -11.03 -17.02 -33.64
CA SER A 649 -10.13 -17.41 -34.72
C SER A 649 -9.28 -16.23 -35.19
N SER A 650 -9.90 -15.05 -35.23
CA SER A 650 -9.23 -13.83 -35.67
C SER A 650 -8.08 -13.39 -34.75
N LEU A 651 -7.90 -14.05 -33.60
CA LEU A 651 -6.70 -13.84 -32.78
C LEU A 651 -5.43 -14.20 -33.52
N THR A 652 -5.54 -15.09 -34.51
CA THR A 652 -4.41 -15.49 -35.35
C THR A 652 -3.71 -14.28 -35.97
N VAL A 653 -4.49 -13.24 -36.26
CA VAL A 653 -3.98 -11.96 -36.77
C VAL A 653 -2.92 -11.29 -35.89
N LEU A 654 -2.89 -11.63 -34.60
CA LEU A 654 -1.89 -11.10 -33.67
C LEU A 654 -1.01 -12.22 -33.13
N PRO A 655 -0.01 -12.63 -33.93
CA PRO A 655 0.75 -13.84 -33.61
C PRO A 655 1.50 -13.76 -32.28
N ARG A 656 1.88 -12.55 -31.87
CA ARG A 656 2.67 -12.35 -30.66
C ARG A 656 1.86 -12.19 -29.36
N LEU A 657 0.54 -12.30 -29.42
CA LEU A 657 -0.34 -11.97 -28.27
C LEU A 657 -0.27 -12.94 -27.10
N GLU A 658 0.38 -12.53 -26.01
CA GLU A 658 0.54 -13.36 -24.81
C GLU A 658 -0.53 -13.12 -23.74
N ALA A 659 -1.17 -11.95 -23.77
CA ALA A 659 -2.11 -11.59 -22.71
C ALA A 659 -3.37 -10.95 -23.27
N LEU A 660 -4.51 -11.58 -23.03
CA LEU A 660 -5.79 -11.05 -23.45
C LEU A 660 -6.72 -10.92 -22.24
N ASP A 661 -7.35 -9.76 -22.11
CA ASP A 661 -8.19 -9.47 -20.97
C ASP A 661 -9.56 -9.00 -21.43
N LEU A 662 -10.55 -9.87 -21.24
CA LEU A 662 -11.93 -9.62 -21.66
C LEU A 662 -12.87 -9.53 -20.46
N ALA A 663 -12.34 -9.26 -19.28
CA ALA A 663 -13.15 -9.20 -18.07
C ALA A 663 -14.22 -8.12 -18.15
N GLY A 664 -15.36 -8.38 -17.52
CA GLY A 664 -16.42 -7.37 -17.42
C GLY A 664 -17.21 -7.10 -18.69
N ASN A 665 -17.00 -7.92 -19.73
CA ASN A 665 -17.81 -7.82 -20.95
C ASN A 665 -19.12 -8.61 -20.80
N GLN A 666 -19.77 -9.01 -21.89
CA GLN A 666 -21.07 -9.70 -21.81
C GLN A 666 -21.10 -11.02 -22.59
N LEU A 667 -20.01 -11.76 -22.56
CA LEU A 667 -19.97 -13.07 -23.20
C LEU A 667 -20.93 -14.02 -22.47
N LYS A 668 -21.89 -14.58 -23.21
CA LYS A 668 -22.80 -15.60 -22.67
C LYS A 668 -22.17 -16.99 -22.67
N ALA A 669 -21.17 -17.20 -23.52
CA ALA A 669 -20.51 -18.50 -23.60
C ALA A 669 -19.13 -18.42 -24.25
N LEU A 670 -18.33 -19.47 -24.04
CA LEU A 670 -17.11 -19.68 -24.79
C LEU A 670 -17.42 -20.69 -25.90
N SER A 671 -17.67 -20.18 -27.10
CA SER A 671 -17.88 -21.02 -28.29
C SER A 671 -17.55 -20.22 -29.56
N ASN A 672 -18.15 -20.60 -30.69
CA ASN A 672 -17.86 -19.97 -31.99
C ASN A 672 -16.38 -20.14 -32.34
N GLY A 673 -15.98 -21.40 -32.48
CA GLY A 673 -14.58 -21.73 -32.71
C GLY A 673 -13.81 -21.73 -31.41
N SER A 674 -12.77 -22.54 -31.34
CA SER A 674 -11.91 -22.58 -30.18
C SER A 674 -10.82 -21.54 -30.31
N LEU A 675 -9.99 -21.44 -29.28
CA LEU A 675 -8.76 -20.67 -29.39
C LEU A 675 -7.98 -21.21 -30.60
N PRO A 676 -7.56 -20.32 -31.52
CA PRO A 676 -6.98 -20.77 -32.79
C PRO A 676 -5.58 -21.35 -32.65
N PRO A 677 -5.14 -22.15 -33.65
CA PRO A 677 -3.81 -22.77 -33.60
C PRO A 677 -2.68 -21.75 -33.68
N GLY A 678 -1.53 -22.10 -33.10
CA GLY A 678 -0.36 -21.22 -33.08
C GLY A 678 -0.44 -20.08 -32.08
N ILE A 679 -1.51 -20.00 -31.31
CA ILE A 679 -1.73 -18.87 -30.41
C ILE A 679 -0.76 -18.91 -29.23
N ARG A 680 -0.12 -17.79 -28.95
CA ARG A 680 0.94 -17.70 -27.94
C ARG A 680 0.43 -17.23 -26.56
N LEU A 681 -0.88 -17.32 -26.35
CA LEU A 681 -1.56 -16.74 -25.18
C LEU A 681 -1.22 -17.45 -23.86
N GLN A 682 -0.61 -16.71 -22.93
CA GLN A 682 -0.24 -17.23 -21.61
C GLN A 682 -1.20 -16.80 -20.49
N LYS A 683 -1.93 -15.71 -20.71
CA LYS A 683 -2.90 -15.21 -19.74
C LYS A 683 -4.20 -14.83 -20.44
N LEU A 684 -5.32 -15.35 -19.94
CA LEU A 684 -6.64 -15.01 -20.46
C LEU A 684 -7.62 -14.72 -19.31
N ASP A 685 -8.27 -13.56 -19.37
CA ASP A 685 -9.17 -13.14 -18.31
C ASP A 685 -10.55 -12.87 -18.88
N VAL A 686 -11.50 -13.73 -18.53
CA VAL A 686 -12.89 -13.59 -18.98
C VAL A 686 -13.83 -13.54 -17.78
N SER A 687 -13.31 -13.08 -16.64
CA SER A 687 -14.11 -13.00 -15.42
C SER A 687 -15.20 -11.95 -15.52
N SER A 688 -16.26 -12.11 -14.74
CA SER A 688 -17.35 -11.14 -14.66
C SER A 688 -18.10 -10.92 -15.98
N ASN A 689 -18.08 -11.95 -16.83
CA ASN A 689 -18.99 -12.05 -17.98
C ASN A 689 -20.20 -12.90 -17.56
N SER A 690 -21.06 -13.29 -18.49
CA SER A 690 -22.20 -14.17 -18.17
C SER A 690 -22.02 -15.57 -18.76
N ILE A 691 -20.79 -16.07 -18.74
CA ILE A 691 -20.45 -17.31 -19.42
C ILE A 691 -21.20 -18.48 -18.79
N GLY A 692 -22.18 -19.01 -19.52
CA GLY A 692 -23.02 -20.10 -19.06
C GLY A 692 -22.50 -21.49 -19.41
N PHE A 693 -21.73 -21.59 -20.49
CA PHE A 693 -21.15 -22.88 -20.91
C PHE A 693 -19.89 -22.70 -21.76
N VAL A 694 -19.17 -23.79 -21.96
CA VAL A 694 -17.93 -23.80 -22.74
C VAL A 694 -17.98 -24.95 -23.75
N ILE A 695 -17.72 -24.65 -25.02
CA ILE A 695 -17.63 -25.70 -26.06
C ILE A 695 -16.49 -26.65 -25.68
N PRO A 696 -16.65 -27.96 -25.93
CA PRO A 696 -15.55 -28.89 -25.65
C PRO A 696 -14.29 -28.63 -26.48
N GLY A 697 -13.13 -28.74 -25.82
CA GLY A 697 -11.85 -28.46 -26.44
C GLY A 697 -11.52 -26.98 -26.55
N PHE A 698 -12.38 -26.10 -26.04
CA PHE A 698 -12.23 -24.65 -26.28
C PHE A 698 -10.81 -24.07 -26.05
N PHE A 699 -10.07 -24.60 -25.07
CA PHE A 699 -8.77 -24.03 -24.71
C PHE A 699 -7.60 -24.77 -25.35
N VAL A 700 -7.65 -26.09 -25.29
CA VAL A 700 -6.69 -27.00 -25.99
C VAL A 700 -5.53 -26.33 -26.75
N ARG A 701 -5.85 -25.65 -27.86
CA ARG A 701 -4.83 -25.04 -28.74
C ARG A 701 -3.92 -24.02 -28.07
N ALA A 702 -4.38 -23.43 -26.96
CA ALA A 702 -3.55 -22.50 -26.19
C ALA A 702 -2.47 -23.27 -25.46
N THR A 703 -1.49 -23.71 -26.23
CA THR A 703 -0.38 -24.52 -25.73
C THR A 703 0.41 -23.83 -24.60
N ARG A 704 0.43 -22.49 -24.62
CA ARG A 704 1.18 -21.71 -23.63
C ARG A 704 0.37 -21.32 -22.37
N LEU A 705 -0.94 -21.54 -22.37
CA LEU A 705 -1.82 -20.96 -21.34
C LEU A 705 -1.41 -21.30 -19.89
N ILE A 706 -1.06 -20.26 -19.14
CA ILE A 706 -0.55 -20.38 -17.78
C ILE A 706 -1.59 -19.97 -16.74
N GLU A 707 -2.30 -18.89 -17.02
CA GLU A 707 -3.23 -18.29 -16.06
C GLU A 707 -4.59 -18.08 -16.72
N LEU A 708 -5.64 -18.66 -16.14
CA LEU A 708 -6.99 -18.52 -16.67
C LEU A 708 -7.95 -18.07 -15.57
N ASN A 709 -8.65 -16.97 -15.80
CA ASN A 709 -9.61 -16.45 -14.84
C ASN A 709 -11.04 -16.59 -15.36
N LEU A 710 -11.82 -17.48 -14.74
CA LEU A 710 -13.19 -17.77 -15.13
C LEU A 710 -14.22 -17.31 -14.07
N SER A 711 -13.77 -16.55 -13.07
CA SER A 711 -14.63 -16.22 -11.92
C SER A 711 -15.78 -15.27 -12.26
N ALA A 712 -16.84 -15.35 -11.46
CA ALA A 712 -18.01 -14.47 -11.60
C ALA A 712 -18.70 -14.60 -12.96
N ASN A 713 -18.97 -15.84 -13.36
CA ASN A 713 -19.72 -16.14 -14.58
C ASN A 713 -20.98 -16.96 -14.22
N ALA A 714 -21.54 -17.69 -15.18
CA ALA A 714 -22.76 -18.47 -14.95
C ALA A 714 -22.52 -19.98 -15.13
N LEU A 715 -21.31 -20.43 -14.80
CA LEU A 715 -20.93 -21.83 -14.95
C LEU A 715 -21.57 -22.73 -13.89
N LYS A 716 -22.04 -23.90 -14.34
CA LYS A 716 -22.59 -24.91 -13.44
C LYS A 716 -21.70 -26.14 -13.28
N THR A 717 -20.68 -26.25 -14.14
CA THR A 717 -19.67 -27.29 -14.02
C THR A 717 -18.29 -26.70 -14.31
N VAL A 718 -17.27 -27.54 -14.18
CA VAL A 718 -15.94 -27.28 -14.74
C VAL A 718 -15.49 -28.60 -15.35
N ASP A 719 -15.43 -28.67 -16.67
CA ASP A 719 -15.12 -29.94 -17.31
C ASP A 719 -13.68 -29.95 -17.81
N PRO A 720 -12.96 -31.10 -17.63
CA PRO A 720 -11.66 -31.26 -18.27
C PRO A 720 -11.71 -31.16 -19.79
N SER A 721 -12.79 -31.62 -20.42
CA SER A 721 -12.92 -31.64 -21.88
C SER A 721 -12.64 -30.29 -22.54
N TRP A 722 -12.74 -29.21 -21.75
CA TRP A 722 -12.45 -27.85 -22.23
C TRP A 722 -10.96 -27.67 -22.53
N PHE A 723 -10.12 -28.37 -21.76
CA PHE A 723 -8.66 -28.33 -21.92
C PHE A 723 -8.18 -29.70 -22.41
N GLY A 724 -6.86 -29.85 -22.55
CA GLY A 724 -6.26 -31.12 -22.98
C GLY A 724 -5.37 -31.71 -21.92
N ALA A 727 -4.57 -29.89 -19.70
CA ALA A 727 -4.79 -29.15 -18.46
C ALA A 727 -3.49 -29.03 -17.65
N GLY A 728 -2.95 -30.17 -17.21
CA GLY A 728 -1.68 -30.24 -16.46
C GLY A 728 -0.77 -29.03 -16.46
N THR A 729 -0.54 -28.44 -17.63
CA THR A 729 0.26 -27.21 -17.76
C THR A 729 -0.30 -26.06 -16.91
N LEU A 730 -1.62 -25.89 -16.98
CA LEU A 730 -2.31 -24.76 -16.39
C LEU A 730 -1.88 -24.55 -14.94
N LYS A 731 -1.54 -23.30 -14.59
CA LYS A 731 -0.99 -22.96 -13.27
C LYS A 731 -1.97 -22.17 -12.39
N ILE A 732 -2.79 -21.31 -12.97
CA ILE A 732 -3.85 -20.62 -12.22
C ILE A 732 -5.18 -20.85 -12.92
N LEU A 733 -6.15 -21.40 -12.18
CA LEU A 733 -7.50 -21.61 -12.66
C LEU A 733 -8.48 -21.06 -11.66
N ASP A 734 -8.95 -19.83 -11.90
CA ASP A 734 -9.91 -19.18 -11.02
C ASP A 734 -11.34 -19.47 -11.50
N VAL A 735 -12.07 -20.28 -10.74
CA VAL A 735 -13.46 -20.62 -11.06
C VAL A 735 -14.39 -20.30 -9.89
N SER A 736 -14.25 -19.08 -9.37
CA SER A 736 -15.01 -18.63 -8.21
C SER A 736 -16.28 -17.89 -8.65
N ALA A 737 -17.14 -17.58 -7.68
CA ALA A 737 -18.42 -16.92 -7.93
C ALA A 737 -19.12 -17.50 -9.18
N ASN A 738 -19.24 -18.82 -9.21
CA ASN A 738 -20.00 -19.50 -10.26
C ASN A 738 -21.02 -20.43 -9.63
N PRO A 739 -22.29 -20.35 -10.08
CA PRO A 739 -23.33 -21.25 -9.56
C PRO A 739 -23.07 -22.73 -9.86
N LEU A 740 -22.04 -23.29 -9.23
CA LEU A 740 -21.62 -24.65 -9.54
C LEU A 740 -22.62 -25.67 -8.96
N HIS A 741 -23.03 -26.62 -9.79
CA HIS A 741 -23.90 -27.70 -9.36
C HIS A 741 -23.03 -28.81 -8.78
N CYS A 742 -23.54 -29.48 -7.75
CA CYS A 742 -22.75 -30.40 -6.95
C CYS A 742 -23.56 -31.64 -6.57
N ALA A 743 -23.26 -32.77 -7.23
CA ALA A 743 -23.98 -34.03 -7.02
C ALA A 743 -23.04 -35.07 -6.39
N ALA A 747 -18.41 -34.19 -12.95
CA ALA A 747 -17.23 -34.35 -13.80
C ALA A 747 -15.98 -33.72 -13.18
N PHE A 748 -16.15 -32.63 -12.45
CA PHE A 748 -15.01 -31.85 -11.94
C PHE A 748 -14.44 -32.35 -10.61
N VAL A 749 -15.26 -32.92 -9.74
CA VAL A 749 -14.75 -33.31 -8.41
C VAL A 749 -13.41 -34.05 -8.52
N ASP A 750 -13.33 -35.02 -9.42
CA ASP A 750 -12.08 -35.75 -9.66
C ASP A 750 -11.04 -34.84 -10.30
N PHE A 751 -11.42 -34.25 -11.44
CA PHE A 751 -10.52 -33.43 -12.24
C PHE A 751 -9.93 -32.25 -11.47
N LEU A 752 -10.77 -31.58 -10.71
CA LEU A 752 -10.36 -30.37 -9.98
C LEU A 752 -9.36 -30.73 -8.88
N LEU A 753 -9.47 -31.94 -8.35
CA LEU A 753 -8.58 -32.43 -7.31
C LEU A 753 -7.27 -33.01 -7.88
N GLU A 754 -7.32 -33.51 -9.11
CA GLU A 754 -6.09 -33.84 -9.85
C GLU A 754 -5.24 -32.58 -9.98
N ARG A 755 -5.88 -31.48 -10.37
CA ARG A 755 -5.17 -30.24 -10.66
C ARG A 755 -5.35 -29.19 -9.55
N GLN A 756 -5.30 -29.64 -8.30
CA GLN A 756 -5.52 -28.78 -7.14
C GLN A 756 -4.39 -27.79 -6.87
N GLU A 757 -3.17 -28.11 -7.29
CA GLU A 757 -2.04 -27.20 -7.12
C GLU A 757 -2.25 -25.90 -7.91
N ALA A 758 -2.86 -26.03 -9.09
CA ALA A 758 -3.16 -24.87 -9.93
C ALA A 758 -4.33 -24.01 -9.41
N VAL A 759 -5.33 -24.65 -8.83
CA VAL A 759 -6.56 -23.97 -8.42
C VAL A 759 -6.37 -23.27 -7.07
N PRO A 760 -6.48 -21.93 -7.02
CA PRO A 760 -6.32 -21.21 -5.76
C PRO A 760 -7.52 -21.39 -4.82
N VAL A 766 -14.61 -21.19 -4.50
CA VAL A 766 -15.16 -22.29 -5.28
C VAL A 766 -16.44 -22.81 -4.62
N THR A 767 -17.49 -22.01 -4.70
CA THR A 767 -18.72 -22.25 -3.97
C THR A 767 -19.77 -22.93 -4.85
N CYS A 768 -20.50 -23.88 -4.29
CA CYS A 768 -21.67 -24.44 -4.97
C CYS A 768 -22.75 -23.36 -4.99
N GLY A 769 -23.55 -23.35 -6.05
CA GLY A 769 -24.78 -22.57 -6.08
C GLY A 769 -25.97 -23.51 -6.07
N SER A 770 -25.72 -24.79 -5.77
CA SER A 770 -26.68 -25.85 -6.02
C SER A 770 -26.31 -27.19 -5.37
N PRO A 771 -27.28 -27.84 -4.70
CA PRO A 771 -28.59 -27.37 -4.27
C PRO A 771 -28.70 -27.35 -2.74
N GLY A 772 -28.53 -26.18 -2.14
CA GLY A 772 -28.63 -26.04 -0.68
C GLY A 772 -27.85 -27.10 0.08
#